data_8AP2
#
_entry.id   8AP2
#
_cell.length_a   88.070
_cell.length_b   71.500
_cell.length_c   102.780
_cell.angle_alpha   90.000
_cell.angle_beta   100.750
_cell.angle_gamma   90.000
#
_symmetry.space_group_name_H-M   'P 1 21 1'
#
loop_
_entity.id
_entity.type
_entity.pdbx_description
1 polymer 'Iron hydrogenase 1'
2 non-polymer 'IRON/SULFUR CLUSTER'
3 non-polymer 'FE2/S2 (INORGANIC) CLUSTER'
4 non-polymer GLYCEROL
5 non-polymer 'CHLORIDE ION'
6 non-polymer 'MAGNESIUM ION'
7 non-polymer 'Binuclear [FeFe], di(thiomethyl)amine, carbon monoxide, cyanide cluster (-CN form)'
8 water water
#
_entity_poly.entity_id   1
_entity_poly.type   'polypeptide(L)'
_entity_poly.pdbx_seq_one_letter_code
;MKTIIINGVQFNTDEDTTILKFARDNNIDISALCFLNNCNNDINKCEICTVEVEGTGLVTACDTLIEDGMIINTNSDAVN
EKIKSRISQLLDIHEFKCGPCNRRENCEFLKLVIKYKARASKPFLPKDKTEYVDERSKSLTVDRTKCLLCGRCVNACGKN
TETYAMKFLNKNGKTIIGAEDEKCFDDTNCLLCGQCIIACPVAALSEKSHMDRVKNALNAPEKHVIVAMAPSVRASIGEL
FNMGFGVDVTGKIYTALRQLGFDKIFDINFGADMTIMEEATELVQRIENNGPFPMFTSCCPGWVRQAENYYPELLNNLSS
AKSPQQIFGTASKTYYPSISGLDPKNVFTVTVMPCTSKKFEADRPQMEKDGLRDIDAVITTRELAKMIKDAKIPFAKLED
SEADPAMGEYSGAGAIFGATGGVMEAALRSAKDFAENAELEDIEYKQVRGLNGIKEAEVEINNNKYNVAVINGASNLFKF
MKSGMINEKQYHFIEVMACHGGCVNGGGQPHVNPKDLEKVDIKKVRASVLYNQDEHLSKRKSHENTALVKMYQNYFGKPG
EGRAHEILHFKYKKSAWSHPQFEK
;
_entity_poly.pdbx_strand_id   A,B
#
loop_
_chem_comp.id
_chem_comp.type
_chem_comp.name
_chem_comp.formula
CL non-polymer 'CHLORIDE ION' 'Cl -1'
FES non-polymer 'FE2/S2 (INORGANIC) CLUSTER' 'Fe2 S2'
GOL non-polymer GLYCEROL 'C3 H8 O3'
MG non-polymer 'MAGNESIUM ION' 'Mg 2'
SF4 non-polymer 'IRON/SULFUR CLUSTER' 'Fe4 S4'
VHR non-polymer 'Binuclear [FeFe], di(thiomethyl)amine, carbon monoxide, cyanide cluster (-CN form)' 'C8 H5 Fe2 N4 O3 S2 -1'
#
# COMPACT_ATOMS: atom_id res chain seq x y z
N MET A 1 -16.02 -24.24 -0.08
CA MET A 1 -15.10 -25.33 -0.41
C MET A 1 -14.87 -25.47 -1.93
N LYS A 2 -13.63 -25.72 -2.28
CA LYS A 2 -13.21 -25.93 -3.66
C LYS A 2 -12.61 -27.32 -3.74
N THR A 3 -12.61 -27.90 -4.93
CA THR A 3 -11.80 -29.08 -5.20
C THR A 3 -10.85 -28.73 -6.32
N ILE A 4 -9.56 -28.89 -6.05
CA ILE A 4 -8.47 -28.59 -6.98
C ILE A 4 -7.73 -29.91 -7.23
N ILE A 5 -7.30 -30.13 -8.46
CA ILE A 5 -6.34 -31.19 -8.76
C ILE A 5 -5.05 -30.52 -9.19
N ILE A 6 -3.92 -30.88 -8.55
CA ILE A 6 -2.61 -30.40 -8.99
C ILE A 6 -1.71 -31.60 -9.17
N ASN A 7 -1.16 -31.74 -10.38
CA ASN A 7 -0.30 -32.88 -10.75
C ASN A 7 -0.91 -34.20 -10.29
N GLY A 8 -2.21 -34.36 -10.55
CA GLY A 8 -2.86 -35.60 -10.21
C GLY A 8 -3.33 -35.74 -8.77
N VAL A 9 -3.07 -34.75 -7.92
CA VAL A 9 -3.43 -34.82 -6.52
C VAL A 9 -4.66 -33.95 -6.26
N GLN A 10 -5.68 -34.55 -5.64
CA GLN A 10 -6.90 -33.82 -5.36
C GLN A 10 -6.75 -33.09 -4.03
N PHE A 11 -7.17 -31.81 -4.00
CA PHE A 11 -7.23 -31.02 -2.77
C PHE A 11 -8.65 -30.49 -2.60
N ASN A 12 -9.12 -30.54 -1.36
CA ASN A 12 -10.35 -29.87 -0.95
C ASN A 12 -9.95 -28.69 -0.07
N THR A 13 -10.42 -27.50 -0.42
CA THR A 13 -9.95 -26.29 0.27
C THR A 13 -11.00 -25.19 0.18
N ASP A 14 -11.06 -24.37 1.23
CA ASP A 14 -11.81 -23.11 1.18
C ASP A 14 -10.88 -21.91 1.10
N GLU A 15 -9.58 -22.12 0.94
CA GLU A 15 -8.66 -21.00 0.83
C GLU A 15 -8.96 -20.19 -0.43
N ASP A 16 -8.75 -18.90 -0.33
CA ASP A 16 -8.80 -17.98 -1.46
C ASP A 16 -7.37 -17.47 -1.61
N THR A 17 -6.64 -18.06 -2.54
CA THR A 17 -5.23 -17.78 -2.71
C THR A 17 -4.84 -18.08 -4.14
N THR A 18 -3.60 -17.72 -4.49
CA THR A 18 -3.12 -18.02 -5.83
C THR A 18 -2.65 -19.48 -5.94
N ILE A 19 -2.58 -19.94 -7.20
CA ILE A 19 -2.01 -21.27 -7.46
C ILE A 19 -0.62 -21.39 -6.85
N LEU A 20 0.21 -20.36 -7.05
CA LEU A 20 1.59 -20.42 -6.56
C LEU A 20 1.61 -20.57 -5.04
N LYS A 21 0.86 -19.74 -4.34
CA LYS A 21 0.91 -19.82 -2.88
C LYS A 21 0.33 -21.14 -2.39
N PHE A 22 -0.77 -21.58 -2.99
CA PHE A 22 -1.35 -22.84 -2.56
C PHE A 22 -0.37 -23.99 -2.79
N ALA A 23 0.26 -24.03 -3.95
CA ALA A 23 1.21 -25.09 -4.26
C ALA A 23 2.37 -25.09 -3.28
N ARG A 24 2.98 -23.93 -3.05
CA ARG A 24 4.12 -23.84 -2.15
C ARG A 24 3.73 -24.24 -0.73
N ASP A 25 2.51 -23.86 -0.30
CA ASP A 25 2.01 -24.28 1.00
C ASP A 25 1.81 -25.78 1.08
N ASN A 26 1.75 -26.45 -0.06
CA ASN A 26 1.49 -27.89 -0.10
C ASN A 26 2.67 -28.66 -0.69
N ASN A 27 3.85 -28.04 -0.67
CA ASN A 27 5.11 -28.69 -1.05
C ASN A 27 5.11 -29.16 -2.49
N ILE A 28 4.49 -28.37 -3.35
CA ILE A 28 4.49 -28.58 -4.79
C ILE A 28 5.38 -27.48 -5.37
N ASP A 29 6.44 -27.88 -6.06
CA ASP A 29 7.41 -26.92 -6.56
C ASP A 29 6.85 -26.21 -7.77
N ILE A 30 6.77 -24.89 -7.71
CA ILE A 30 6.52 -24.07 -8.89
C ILE A 30 7.55 -22.95 -8.88
N SER A 31 8.22 -22.74 -10.01
CA SER A 31 9.25 -21.71 -10.06
C SER A 31 8.61 -20.33 -10.16
N ALA A 32 9.35 -19.32 -9.72
CA ALA A 32 8.95 -17.94 -9.95
C ALA A 32 10.18 -17.08 -10.00
N LEU A 33 10.02 -15.93 -10.63
CA LEU A 33 11.10 -14.96 -10.72
C LEU A 33 10.61 -13.57 -10.39
N CYS A 34 9.67 -13.01 -11.16
CA CYS A 34 9.29 -11.62 -10.94
C CYS A 34 8.36 -11.45 -9.75
N PHE A 35 7.77 -12.54 -9.26
CA PHE A 35 6.91 -12.46 -8.09
C PHE A 35 7.72 -12.23 -6.80
N LEU A 36 7.41 -11.16 -6.06
CA LEU A 36 8.04 -10.85 -4.77
C LEU A 36 7.15 -9.79 -4.11
N ASN A 37 7.10 -9.79 -2.78
CA ASN A 37 6.35 -8.76 -2.06
C ASN A 37 4.88 -8.75 -2.48
N ASN A 38 4.35 -9.95 -2.77
CA ASN A 38 2.94 -10.10 -3.15
C ASN A 38 2.57 -9.38 -4.44
N CYS A 39 3.55 -9.19 -5.34
N CYS A 39 3.51 -9.21 -5.36
CA CYS A 39 3.39 -8.48 -6.59
CA CYS A 39 3.18 -8.60 -6.64
C CYS A 39 4.20 -9.20 -7.68
C CYS A 39 4.19 -9.06 -7.68
N ASN A 40 3.71 -9.11 -8.92
CA ASN A 40 4.54 -9.50 -10.06
C ASN A 40 4.65 -8.29 -10.98
N ASN A 41 5.33 -8.50 -12.09
CA ASN A 41 5.51 -7.42 -13.06
C ASN A 41 4.31 -7.39 -14.00
N ASP A 42 3.33 -6.55 -13.66
CA ASP A 42 2.04 -6.62 -14.33
C ASP A 42 2.13 -6.29 -15.81
N ILE A 43 3.06 -5.41 -16.20
CA ILE A 43 3.18 -4.97 -17.58
C ILE A 43 4.19 -5.77 -18.39
N ASN A 44 4.89 -6.74 -17.79
CA ASN A 44 5.89 -7.53 -18.47
C ASN A 44 6.11 -8.80 -17.65
N LYS A 45 5.08 -9.67 -17.56
CA LYS A 45 5.15 -10.84 -16.69
C LYS A 45 6.28 -11.76 -17.16
N CYS A 46 7.09 -12.24 -16.20
CA CYS A 46 8.19 -13.11 -16.59
C CYS A 46 7.69 -14.47 -17.05
N GLU A 47 6.53 -14.90 -16.54
CA GLU A 47 5.91 -16.19 -16.88
C GLU A 47 6.74 -17.40 -16.45
N ILE A 48 7.71 -17.24 -15.54
CA ILE A 48 8.45 -18.39 -15.03
C ILE A 48 7.55 -19.30 -14.19
N CYS A 49 6.47 -18.73 -13.63
CA CYS A 49 5.51 -19.45 -12.81
C CYS A 49 4.41 -20.13 -13.67
N THR A 50 4.65 -20.29 -14.97
CA THR A 50 3.64 -20.88 -15.85
C THR A 50 3.23 -22.27 -15.38
N VAL A 51 1.93 -22.51 -15.40
CA VAL A 51 1.36 -23.85 -15.21
C VAL A 51 0.24 -24.02 -16.23
N GLU A 52 -0.23 -25.26 -16.42
CA GLU A 52 -1.34 -25.51 -17.33
C GLU A 52 -2.61 -25.77 -16.51
N VAL A 53 -3.70 -25.08 -16.85
CA VAL A 53 -5.01 -25.31 -16.24
C VAL A 53 -5.91 -25.85 -17.33
N GLU A 54 -6.44 -27.06 -17.13
CA GLU A 54 -7.28 -27.67 -18.16
C GLU A 54 -8.48 -26.80 -18.46
N GLY A 55 -8.76 -26.62 -19.76
CA GLY A 55 -9.85 -25.77 -20.23
C GLY A 55 -9.48 -24.31 -20.36
N THR A 56 -8.34 -23.90 -19.79
CA THR A 56 -7.86 -22.54 -19.94
C THR A 56 -6.58 -22.44 -20.75
N GLY A 57 -5.63 -23.34 -20.49
CA GLY A 57 -4.33 -23.30 -21.12
C GLY A 57 -3.23 -22.88 -20.15
N LEU A 58 -2.18 -22.26 -20.68
CA LEU A 58 -1.07 -21.79 -19.86
C LEU A 58 -1.45 -20.53 -19.11
N VAL A 59 -1.17 -20.52 -17.82
CA VAL A 59 -1.48 -19.39 -16.94
C VAL A 59 -0.29 -19.13 -16.03
N THR A 60 -0.19 -17.90 -15.56
CA THR A 60 0.81 -17.55 -14.55
C THR A 60 0.29 -17.91 -13.14
N ALA A 61 0.93 -18.86 -12.46
CA ALA A 61 0.45 -19.30 -11.15
C ALA A 61 0.55 -18.21 -10.09
N CYS A 62 1.45 -17.26 -10.23
CA CYS A 62 1.69 -16.31 -9.16
C CYS A 62 0.57 -15.29 -9.03
N ASP A 63 -0.30 -15.17 -10.03
CA ASP A 63 -1.31 -14.13 -9.97
C ASP A 63 -2.67 -14.66 -10.37
N THR A 64 -2.85 -15.97 -10.35
CA THR A 64 -4.11 -16.60 -10.73
C THR A 64 -4.71 -17.27 -9.51
N LEU A 65 -5.89 -16.83 -9.10
CA LEU A 65 -6.52 -17.42 -7.92
C LEU A 65 -7.00 -18.83 -8.22
N ILE A 66 -6.88 -19.72 -7.23
CA ILE A 66 -7.47 -21.04 -7.39
C ILE A 66 -8.99 -20.92 -7.49
N GLU A 67 -9.59 -21.83 -8.26
CA GLU A 67 -11.05 -21.89 -8.40
C GLU A 67 -11.49 -23.34 -8.39
N ASP A 68 -12.64 -23.60 -7.77
CA ASP A 68 -13.23 -24.92 -7.81
C ASP A 68 -13.24 -25.48 -9.22
N GLY A 69 -12.88 -26.75 -9.33
CA GLY A 69 -12.86 -27.42 -10.61
C GLY A 69 -11.54 -27.38 -11.35
N MET A 70 -10.57 -26.61 -10.88
CA MET A 70 -9.33 -26.47 -11.63
C MET A 70 -8.55 -27.77 -11.62
N ILE A 71 -8.00 -28.13 -12.78
CA ILE A 71 -7.10 -29.28 -12.92
C ILE A 71 -5.80 -28.71 -13.46
N ILE A 72 -4.77 -28.72 -12.62
CA ILE A 72 -3.53 -27.97 -12.85
C ILE A 72 -2.39 -28.96 -13.06
N ASN A 73 -1.57 -28.70 -14.08
CA ASN A 73 -0.32 -29.42 -14.27
C ASN A 73 0.85 -28.45 -14.29
N THR A 74 1.82 -28.68 -13.41
CA THR A 74 2.96 -27.78 -13.29
C THR A 74 4.22 -28.30 -13.97
N ASN A 75 4.21 -29.56 -14.46
CA ASN A 75 5.47 -30.19 -14.85
C ASN A 75 5.37 -30.93 -16.17
N SER A 76 4.41 -30.56 -17.02
CA SER A 76 4.32 -31.18 -18.33
C SER A 76 5.45 -30.68 -19.22
N ASP A 77 5.73 -31.42 -20.30
CA ASP A 77 6.76 -30.98 -21.25
C ASP A 77 6.42 -29.60 -21.80
N ALA A 78 5.14 -29.36 -22.10
CA ALA A 78 4.75 -28.07 -22.65
C ALA A 78 5.02 -26.93 -21.66
N VAL A 79 4.67 -27.13 -20.38
CA VAL A 79 4.92 -26.11 -19.37
C VAL A 79 6.42 -25.86 -19.26
N ASN A 80 7.19 -26.93 -19.17
CA ASN A 80 8.63 -26.79 -18.95
C ASN A 80 9.32 -26.16 -20.15
N GLU A 81 8.82 -26.43 -21.36
CA GLU A 81 9.40 -25.82 -22.55
C GLU A 81 9.12 -24.32 -22.58
N LYS A 82 7.91 -23.91 -22.18
CA LYS A 82 7.60 -22.48 -22.08
C LYS A 82 8.53 -21.78 -21.10
N ILE A 83 8.68 -22.34 -19.89
CA ILE A 83 9.53 -21.73 -18.88
C ILE A 83 10.97 -21.62 -19.37
N LYS A 84 11.50 -22.70 -19.94
CA LYS A 84 12.86 -22.67 -20.49
C LYS A 84 12.99 -21.59 -21.56
N SER A 85 11.96 -21.46 -22.41
CA SER A 85 11.96 -20.42 -23.43
C SER A 85 12.02 -19.03 -22.81
N ARG A 86 11.25 -18.81 -21.75
CA ARG A 86 11.28 -17.49 -21.12
C ARG A 86 12.66 -17.21 -20.56
N ILE A 87 13.28 -18.21 -19.93
CA ILE A 87 14.62 -18.00 -19.37
C ILE A 87 15.62 -17.74 -20.49
N SER A 88 15.48 -18.46 -21.60
CA SER A 88 16.36 -18.24 -22.75
C SER A 88 16.23 -16.81 -23.27
N GLN A 89 14.99 -16.30 -23.34
CA GLN A 89 14.81 -14.93 -23.83
C GLN A 89 15.41 -13.92 -22.88
N LEU A 90 15.41 -14.22 -21.59
CA LEU A 90 16.09 -13.34 -20.65
C LEU A 90 17.60 -13.43 -20.82
N LEU A 91 18.13 -14.63 -21.09
CA LEU A 91 19.57 -14.73 -21.35
C LEU A 91 19.96 -13.93 -22.58
N ASP A 92 19.03 -13.75 -23.54
CA ASP A 92 19.32 -12.94 -24.72
C ASP A 92 19.62 -11.48 -24.38
N ILE A 93 19.21 -11.01 -23.20
CA ILE A 93 19.48 -9.65 -22.79
C ILE A 93 20.36 -9.59 -21.55
N HIS A 94 21.09 -10.67 -21.25
CA HIS A 94 21.83 -10.80 -19.98
C HIS A 94 23.29 -11.16 -20.26
N GLU A 95 24.22 -10.36 -19.74
CA GLU A 95 25.66 -10.66 -19.84
C GLU A 95 25.95 -11.75 -18.83
N PHE A 96 25.98 -13.00 -19.32
CA PHE A 96 26.03 -14.20 -18.50
C PHE A 96 27.49 -14.53 -18.28
N LYS A 97 28.08 -13.83 -17.31
CA LYS A 97 29.51 -13.94 -16.98
C LYS A 97 29.61 -13.98 -15.45
N CYS A 98 29.30 -15.14 -14.88
CA CYS A 98 29.14 -15.24 -13.43
C CYS A 98 30.48 -15.17 -12.66
N GLY A 99 31.61 -15.51 -13.29
CA GLY A 99 32.90 -15.55 -12.64
C GLY A 99 33.18 -14.34 -11.76
N PRO A 100 33.23 -13.15 -12.36
CA PRO A 100 33.51 -11.93 -11.60
C PRO A 100 32.27 -11.23 -11.03
N CYS A 101 31.09 -11.83 -11.15
CA CYS A 101 29.86 -11.14 -10.79
C CYS A 101 29.67 -11.11 -9.27
N ASN A 102 29.14 -9.99 -8.77
CA ASN A 102 28.97 -9.83 -7.34
C ASN A 102 27.79 -10.59 -6.76
N ARG A 103 26.99 -11.25 -7.59
CA ARG A 103 25.95 -12.14 -7.10
C ARG A 103 26.25 -13.61 -7.39
N ARG A 104 27.50 -13.94 -7.80
CA ARG A 104 27.83 -15.31 -8.19
C ARG A 104 27.32 -16.37 -7.22
N GLU A 105 27.42 -16.12 -5.91
CA GLU A 105 27.14 -17.16 -4.93
C GLU A 105 25.68 -17.25 -4.50
N ASN A 106 24.85 -16.29 -4.86
CA ASN A 106 23.48 -16.25 -4.35
C ASN A 106 22.53 -15.61 -5.36
N CYS A 107 22.71 -15.93 -6.65
CA CYS A 107 21.91 -15.34 -7.71
C CYS A 107 20.65 -16.16 -7.98
N GLU A 108 19.47 -15.51 -7.97
CA GLU A 108 18.23 -16.25 -8.24
C GLU A 108 18.14 -16.67 -9.69
N PHE A 109 18.62 -15.82 -10.60
CA PHE A 109 18.52 -16.11 -12.03
C PHE A 109 19.42 -17.28 -12.39
N LEU A 110 20.67 -17.27 -11.92
CA LEU A 110 21.56 -18.38 -12.22
C LEU A 110 20.95 -19.70 -11.77
N LYS A 111 20.31 -19.74 -10.60
CA LYS A 111 19.67 -20.96 -10.16
C LYS A 111 18.62 -21.45 -11.16
N LEU A 112 17.81 -20.54 -11.71
CA LEU A 112 16.80 -20.94 -12.71
C LEU A 112 17.44 -21.39 -14.01
N VAL A 113 18.45 -20.67 -14.49
CA VAL A 113 19.19 -21.08 -15.68
C VAL A 113 19.69 -22.51 -15.56
N ILE A 114 20.24 -22.85 -14.38
CA ILE A 114 20.76 -24.21 -14.16
C ILE A 114 19.62 -25.22 -14.11
N LYS A 115 18.54 -24.89 -13.38
CA LYS A 115 17.42 -25.81 -13.24
C LYS A 115 16.85 -26.21 -14.59
N TYR A 116 16.62 -25.24 -15.46
CA TYR A 116 15.99 -25.48 -16.76
C TYR A 116 16.98 -25.71 -17.88
N LYS A 117 18.29 -25.71 -17.57
CA LYS A 117 19.33 -25.96 -18.58
C LYS A 117 19.17 -25.01 -19.75
N ALA A 118 18.84 -23.76 -19.41
CA ALA A 118 18.50 -22.75 -20.40
C ALA A 118 19.73 -22.09 -20.99
N ARG A 119 19.63 -21.68 -22.26
CA ARG A 119 20.72 -21.01 -22.94
C ARG A 119 20.15 -19.92 -23.83
N ALA A 120 20.87 -18.81 -23.97
CA ALA A 120 20.45 -17.77 -24.90
C ALA A 120 20.40 -18.31 -26.34
N SER A 121 19.45 -17.78 -27.12
CA SER A 121 19.49 -18.00 -28.57
C SER A 121 20.72 -17.33 -29.17
N LYS A 122 21.04 -16.14 -28.69
CA LYS A 122 22.22 -15.41 -29.15
C LYS A 122 22.86 -14.74 -27.95
N PRO A 123 24.12 -15.01 -27.64
CA PRO A 123 24.69 -14.46 -26.42
C PRO A 123 24.76 -12.93 -26.44
N PHE A 124 24.44 -12.33 -25.31
CA PHE A 124 24.58 -10.90 -25.11
C PHE A 124 25.98 -10.65 -24.54
N LEU A 125 26.84 -10.04 -25.34
CA LEU A 125 28.25 -9.88 -24.99
C LEU A 125 28.69 -8.47 -25.34
N PRO A 126 28.14 -7.47 -24.65
CA PRO A 126 28.52 -6.10 -24.96
C PRO A 126 30.02 -5.93 -24.75
N LYS A 127 30.68 -5.38 -25.77
CA LYS A 127 32.12 -5.19 -25.66
C LYS A 127 32.48 -4.05 -24.71
N ASP A 128 31.55 -3.12 -24.46
CA ASP A 128 31.82 -2.01 -23.55
C ASP A 128 30.55 -1.75 -22.76
N LYS A 129 30.67 -1.63 -21.45
CA LYS A 129 29.51 -1.53 -20.56
C LYS A 129 29.19 -0.11 -20.15
N THR A 130 29.94 0.88 -20.62
CA THR A 130 29.78 2.25 -20.14
C THR A 130 28.34 2.72 -20.23
N GLU A 131 27.69 2.52 -21.38
CA GLU A 131 26.34 3.03 -21.57
C GLU A 131 25.34 2.35 -20.64
N TYR A 132 25.65 1.16 -20.16
CA TYR A 132 24.75 0.36 -19.33
C TYR A 132 24.92 0.61 -17.83
N VAL A 133 25.97 1.31 -17.41
CA VAL A 133 26.35 1.42 -16.01
C VAL A 133 26.14 2.86 -15.54
N ASP A 134 25.51 3.01 -14.37
CA ASP A 134 25.34 4.31 -13.73
C ASP A 134 25.94 4.23 -12.34
N GLU A 135 27.12 4.84 -12.17
CA GLU A 135 27.82 4.90 -10.88
C GLU A 135 27.86 6.33 -10.33
N ARG A 136 26.93 7.18 -10.77
CA ARG A 136 26.92 8.58 -10.35
C ARG A 136 26.57 8.74 -8.88
N SER A 137 25.72 7.88 -8.35
CA SER A 137 25.21 8.03 -6.99
C SER A 137 26.32 7.78 -5.96
N LYS A 138 26.20 8.44 -4.80
CA LYS A 138 27.06 8.10 -3.67
C LYS A 138 26.64 6.80 -2.99
N SER A 139 25.48 6.24 -3.35
CA SER A 139 24.94 5.11 -2.59
C SER A 139 24.60 3.90 -3.44
N LEU A 140 24.09 4.08 -4.66
CA LEU A 140 23.57 3.00 -5.47
C LEU A 140 24.35 2.91 -6.76
N THR A 141 24.39 1.71 -7.35
CA THR A 141 24.91 1.58 -8.71
C THR A 141 23.98 0.69 -9.51
N VAL A 142 23.88 0.97 -10.81
CA VAL A 142 23.06 0.21 -11.74
C VAL A 142 23.96 -0.39 -12.82
N ASP A 143 23.80 -1.69 -13.09
CA ASP A 143 24.47 -2.35 -14.21
C ASP A 143 23.36 -2.97 -15.06
N ARG A 144 22.96 -2.27 -16.12
CA ARG A 144 21.82 -2.76 -16.90
C ARG A 144 22.17 -3.93 -17.82
N THR A 145 23.46 -4.30 -17.95
CA THR A 145 23.75 -5.56 -18.65
C THR A 145 23.23 -6.76 -17.88
N LYS A 146 22.84 -6.61 -16.61
CA LYS A 146 22.30 -7.71 -15.81
C LYS A 146 20.79 -7.63 -15.62
N CYS A 147 20.15 -6.54 -16.01
CA CYS A 147 18.77 -6.29 -15.61
C CYS A 147 17.80 -7.12 -16.45
N LEU A 148 16.92 -7.86 -15.75
CA LEU A 148 15.91 -8.71 -16.36
C LEU A 148 14.62 -7.97 -16.66
N LEU A 149 14.50 -6.70 -16.27
CA LEU A 149 13.23 -5.98 -16.34
C LEU A 149 12.10 -6.76 -15.66
N CYS A 150 12.42 -7.31 -14.50
CA CYS A 150 11.45 -8.03 -13.68
C CYS A 150 10.59 -7.12 -12.83
N GLY A 151 10.92 -5.84 -12.73
CA GLY A 151 10.13 -4.89 -11.97
C GLY A 151 10.18 -5.06 -10.44
N ARG A 152 11.03 -5.94 -9.90
CA ARG A 152 10.96 -6.17 -8.45
C ARG A 152 11.45 -4.94 -7.69
N CYS A 153 12.40 -4.20 -8.27
CA CYS A 153 12.89 -2.96 -7.64
C CYS A 153 11.82 -1.89 -7.65
N VAL A 154 11.11 -1.73 -8.78
CA VAL A 154 10.02 -0.76 -8.89
C VAL A 154 8.94 -1.08 -7.86
N ASN A 155 8.50 -2.34 -7.81
CA ASN A 155 7.47 -2.75 -6.86
C ASN A 155 7.94 -2.57 -5.43
N ALA A 156 9.22 -2.90 -5.16
CA ALA A 156 9.71 -2.85 -3.79
C ALA A 156 9.86 -1.41 -3.33
N CYS A 157 10.28 -0.52 -4.22
CA CYS A 157 10.38 0.87 -3.82
C CYS A 157 8.99 1.43 -3.49
N GLY A 158 7.99 1.14 -4.33
CA GLY A 158 6.63 1.57 -4.02
C GLY A 158 6.18 1.06 -2.67
N LYS A 159 6.34 -0.23 -2.43
CA LYS A 159 5.87 -0.83 -1.19
C LYS A 159 6.61 -0.30 0.03
N ASN A 160 7.93 -0.25 -0.05
CA ASN A 160 8.72 0.10 1.13
C ASN A 160 8.71 1.60 1.42
N THR A 161 8.70 2.43 0.39
CA THR A 161 8.87 3.87 0.58
C THR A 161 7.69 4.70 0.12
N GLU A 162 6.92 4.21 -0.86
CA GLU A 162 5.86 4.97 -1.52
C GLU A 162 6.39 6.22 -2.22
N THR A 163 7.71 6.28 -2.47
CA THR A 163 8.23 7.39 -3.25
C THR A 163 8.12 7.14 -4.74
N TYR A 164 8.12 5.86 -5.13
CA TYR A 164 8.23 5.46 -6.54
C TYR A 164 9.44 6.14 -7.18
N ALA A 165 10.50 6.25 -6.41
CA ALA A 165 11.70 6.87 -7.00
C ALA A 165 12.35 5.97 -8.05
N MET A 166 12.13 4.65 -7.95
CA MET A 166 12.56 3.71 -8.98
C MET A 166 11.45 3.56 -10.01
N LYS A 167 11.77 3.81 -11.27
CA LYS A 167 10.73 3.82 -12.31
C LYS A 167 11.16 3.02 -13.53
N PHE A 168 10.16 2.58 -14.31
CA PHE A 168 10.40 2.24 -15.70
C PHE A 168 10.54 3.52 -16.53
N LEU A 169 11.55 3.56 -17.41
CA LEU A 169 11.85 4.69 -18.26
C LEU A 169 11.91 4.19 -19.69
N ASN A 170 11.48 5.03 -20.62
CA ASN A 170 11.65 4.77 -22.04
C ASN A 170 12.89 5.55 -22.46
N LYS A 171 13.98 4.83 -22.76
CA LYS A 171 15.24 5.45 -23.22
C LYS A 171 15.40 5.13 -24.71
N ASN A 172 15.17 6.14 -25.56
CA ASN A 172 14.93 6.00 -27.00
C ASN A 172 14.36 4.65 -27.42
N GLY A 173 13.12 4.39 -27.02
CA GLY A 173 12.41 3.24 -27.49
C GLY A 173 12.81 1.93 -26.86
N LYS A 174 13.67 1.96 -25.84
CA LYS A 174 14.02 0.76 -25.09
C LYS A 174 13.72 0.99 -23.62
N THR A 175 13.19 -0.02 -22.95
CA THR A 175 12.83 0.11 -21.55
C THR A 175 14.03 -0.13 -20.65
N ILE A 176 14.19 0.73 -19.67
CA ILE A 176 15.17 0.54 -18.61
C ILE A 176 14.46 0.81 -17.28
N ILE A 177 15.11 0.47 -16.20
CA ILE A 177 14.74 1.00 -14.88
C ILE A 177 15.71 2.10 -14.53
N GLY A 178 15.29 3.04 -13.70
CA GLY A 178 16.16 4.12 -13.27
C GLY A 178 15.38 5.16 -12.50
N ALA A 179 16.08 6.26 -12.20
CA ALA A 179 15.48 7.37 -11.47
C ALA A 179 14.72 8.29 -12.43
N GLU A 180 13.94 9.20 -11.85
CA GLU A 180 13.16 10.17 -12.62
C GLU A 180 14.05 10.86 -13.64
N ASP A 181 13.60 10.85 -14.89
CA ASP A 181 14.28 11.51 -16.00
C ASP A 181 15.72 10.98 -16.21
N GLU A 182 15.99 9.76 -15.76
CA GLU A 182 17.33 9.16 -15.85
C GLU A 182 18.39 9.97 -15.12
N LYS A 183 17.96 10.77 -14.13
CA LYS A 183 18.90 11.52 -13.31
C LYS A 183 19.67 10.59 -12.37
N CYS A 184 20.76 11.10 -11.80
CA CYS A 184 21.36 10.41 -10.68
C CYS A 184 20.34 10.30 -9.55
N PHE A 185 20.24 9.10 -8.94
CA PHE A 185 19.25 8.88 -7.89
C PHE A 185 19.34 9.97 -6.81
N ASP A 186 20.56 10.36 -6.44
CA ASP A 186 20.75 11.35 -5.37
C ASP A 186 20.08 12.67 -5.68
N ASP A 187 19.89 12.99 -6.96
CA ASP A 187 19.31 14.26 -7.36
C ASP A 187 17.79 14.17 -7.49
N THR A 188 17.18 13.09 -7.02
CA THR A 188 15.73 12.91 -7.07
C THR A 188 15.20 12.72 -5.65
N ASN A 189 13.90 12.41 -5.55
CA ASN A 189 13.33 12.19 -4.22
C ASN A 189 13.75 10.89 -3.54
N CYS A 190 14.53 10.05 -4.23
CA CYS A 190 15.03 8.80 -3.70
C CYS A 190 15.61 9.00 -2.31
N LEU A 191 15.36 8.05 -1.41
CA LEU A 191 15.92 8.06 -0.07
C LEU A 191 17.28 7.39 0.05
N LEU A 192 17.72 6.70 -1.01
CA LEU A 192 18.99 5.95 -1.04
C LEU A 192 19.01 4.80 -0.04
N CYS A 193 17.82 4.30 0.28
CA CYS A 193 17.64 3.23 1.24
C CYS A 193 18.01 1.83 0.73
N GLY A 194 18.13 1.65 -0.59
CA GLY A 194 18.58 0.42 -1.22
C GLY A 194 17.62 -0.73 -1.07
N GLN A 195 16.33 -0.45 -0.76
CA GLN A 195 15.38 -1.57 -0.75
C GLN A 195 15.21 -2.16 -2.14
N CYS A 196 15.40 -1.35 -3.17
CA CYS A 196 15.42 -1.86 -4.55
C CYS A 196 16.57 -2.87 -4.74
N ILE A 197 17.76 -2.60 -4.17
CA ILE A 197 18.84 -3.59 -4.26
C ILE A 197 18.41 -4.90 -3.61
N ILE A 198 17.85 -4.81 -2.40
CA ILE A 198 17.49 -6.01 -1.66
C ILE A 198 16.50 -6.86 -2.46
N ALA A 199 15.63 -6.20 -3.26
CA ALA A 199 14.65 -6.90 -4.08
C ALA A 199 15.21 -7.46 -5.37
N CYS A 200 16.41 -7.06 -5.77
CA CYS A 200 16.91 -7.46 -7.08
C CYS A 200 17.39 -8.92 -7.08
N PRO A 201 16.97 -9.75 -8.03
CA PRO A 201 17.37 -11.16 -8.02
C PRO A 201 18.72 -11.41 -8.65
N VAL A 202 19.34 -10.36 -9.23
CA VAL A 202 20.58 -10.46 -10.00
C VAL A 202 21.47 -9.33 -9.56
N ALA A 203 22.60 -9.14 -10.25
CA ALA A 203 23.57 -8.11 -9.88
C ALA A 203 23.32 -6.78 -10.61
N ALA A 204 22.07 -6.50 -10.95
CA ALA A 204 21.78 -5.28 -11.69
C ALA A 204 21.84 -4.06 -10.77
N LEU A 205 21.30 -4.14 -9.57
CA LEU A 205 21.41 -3.04 -8.62
C LEU A 205 22.39 -3.45 -7.51
N SER A 206 23.30 -2.53 -7.17
CA SER A 206 24.29 -2.79 -6.13
C SER A 206 24.52 -1.52 -5.33
N GLU A 207 25.30 -1.67 -4.26
CA GLU A 207 25.79 -0.51 -3.52
C GLU A 207 26.94 0.14 -4.29
N LYS A 208 27.08 1.46 -4.13
CA LYS A 208 28.25 2.19 -4.62
C LYS A 208 29.46 1.75 -3.81
N SER A 209 30.44 1.13 -4.48
CA SER A 209 31.55 0.50 -3.78
C SER A 209 32.45 1.52 -3.08
N HIS A 210 32.79 1.25 -1.81
CA HIS A 210 33.88 1.94 -1.13
C HIS A 210 35.07 1.02 -0.90
N MET A 211 35.10 -0.16 -1.55
CA MET A 211 36.17 -1.10 -1.20
C MET A 211 37.55 -0.56 -1.58
N ASP A 212 37.63 0.21 -2.68
CA ASP A 212 38.94 0.75 -3.06
C ASP A 212 39.40 1.82 -2.08
N ARG A 213 38.49 2.70 -1.63
CA ARG A 213 38.86 3.67 -0.58
C ARG A 213 39.51 2.94 0.59
N VAL A 214 38.90 1.84 1.00
CA VAL A 214 39.35 1.13 2.19
C VAL A 214 40.68 0.47 1.94
N LYS A 215 40.80 -0.24 0.80
CA LYS A 215 42.05 -0.95 0.52
C LYS A 215 43.19 0.02 0.35
N ASN A 216 42.95 1.15 -0.32
CA ASN A 216 44.01 2.15 -0.47
C ASN A 216 44.48 2.68 0.89
N ALA A 217 43.54 2.94 1.81
CA ALA A 217 43.91 3.42 3.15
C ALA A 217 44.67 2.35 3.93
N LEU A 218 44.20 1.10 3.87
CA LEU A 218 44.92 0.01 4.56
C LEU A 218 46.36 -0.11 4.08
N ASN A 219 46.59 0.09 2.78
CA ASN A 219 47.90 -0.06 2.18
C ASN A 219 48.75 1.20 2.26
N ALA A 220 48.17 2.32 2.63
CA ALA A 220 48.95 3.55 2.78
C ALA A 220 49.78 3.46 4.06
N PRO A 221 51.11 3.63 3.96
CA PRO A 221 51.95 3.46 5.17
C PRO A 221 51.54 4.31 6.36
N GLU A 222 51.16 5.56 6.10
CA GLU A 222 50.96 6.53 7.17
C GLU A 222 49.52 6.61 7.66
N LYS A 223 48.59 5.92 7.02
CA LYS A 223 47.21 5.96 7.47
C LYS A 223 47.02 4.97 8.61
N HIS A 224 46.29 5.41 9.63
CA HIS A 224 45.87 4.58 10.74
C HIS A 224 44.38 4.36 10.53
N VAL A 225 44.01 3.14 10.14
CA VAL A 225 42.64 2.87 9.71
C VAL A 225 41.84 2.27 10.86
N ILE A 226 40.83 3.02 11.34
CA ILE A 226 39.87 2.57 12.34
C ILE A 226 38.75 1.89 11.59
N VAL A 227 38.20 0.81 12.15
CA VAL A 227 36.96 0.27 11.61
C VAL A 227 36.00 0.08 12.76
N ALA A 228 34.71 0.33 12.50
CA ALA A 228 33.67 0.14 13.53
C ALA A 228 32.42 -0.32 12.82
N MET A 229 31.80 -1.40 13.30
N MET A 229 31.79 -1.38 13.32
CA MET A 229 30.61 -1.94 12.66
CA MET A 229 30.61 -1.90 12.64
C MET A 229 29.33 -1.51 13.36
C MET A 229 29.34 -1.44 13.34
N ALA A 230 28.27 -1.40 12.55
CA ALA A 230 26.95 -1.05 13.01
C ALA A 230 26.38 -2.18 13.88
N PRO A 231 25.35 -1.88 14.68
CA PRO A 231 24.72 -2.93 15.49
C PRO A 231 24.35 -4.15 14.65
N SER A 232 23.70 -3.94 13.49
CA SER A 232 23.09 -5.05 12.77
C SER A 232 24.09 -6.00 12.13
N VAL A 233 25.34 -5.58 11.88
CA VAL A 233 26.27 -6.45 11.14
C VAL A 233 26.49 -7.77 11.87
N ARG A 234 26.58 -7.72 13.19
CA ARG A 234 26.93 -8.89 13.98
C ARG A 234 25.81 -9.89 14.03
N ALA A 235 24.61 -9.49 13.62
CA ALA A 235 23.44 -10.35 13.58
C ALA A 235 23.14 -10.87 12.19
N SER A 236 23.98 -10.55 11.20
N SER A 236 23.95 -10.53 11.18
CA SER A 236 23.57 -10.76 9.81
CA SER A 236 23.55 -10.84 9.81
C SER A 236 24.65 -11.37 8.93
C SER A 236 24.66 -11.41 8.93
N ILE A 237 25.91 -10.95 9.10
CA ILE A 237 26.94 -11.30 8.13
C ILE A 237 27.21 -12.80 8.05
N GLY A 238 26.97 -13.54 9.13
CA GLY A 238 27.15 -14.99 9.11
C GLY A 238 26.33 -15.68 8.04
N GLU A 239 25.22 -15.07 7.62
CA GLU A 239 24.40 -15.65 6.56
C GLU A 239 25.20 -15.87 5.28
N LEU A 240 26.14 -14.99 5.01
CA LEU A 240 26.94 -15.06 3.79
C LEU A 240 28.08 -16.05 3.90
N PHE A 241 28.21 -16.72 5.04
CA PHE A 241 29.22 -17.73 5.25
C PHE A 241 28.60 -19.08 5.61
N ASN A 242 27.35 -19.29 5.13
CA ASN A 242 26.63 -20.56 5.31
C ASN A 242 26.44 -20.93 6.77
N MET A 243 26.31 -19.94 7.63
CA MET A 243 26.22 -20.18 9.05
C MET A 243 24.76 -20.22 9.52
N GLY A 244 23.80 -19.93 8.65
CA GLY A 244 22.39 -19.86 9.03
C GLY A 244 21.98 -18.46 9.43
N PHE A 245 20.76 -18.38 9.95
CA PHE A 245 20.14 -17.12 10.32
C PHE A 245 20.14 -16.97 11.84
N GLY A 246 20.27 -15.72 12.31
CA GLY A 246 20.22 -15.42 13.74
C GLY A 246 21.43 -15.83 14.54
N VAL A 247 22.60 -15.91 13.90
CA VAL A 247 23.84 -16.26 14.59
C VAL A 247 24.57 -15.00 15.01
N ASP A 248 24.91 -14.92 16.29
CA ASP A 248 25.70 -13.82 16.81
C ASP A 248 27.14 -14.10 16.44
N VAL A 249 27.72 -13.28 15.54
CA VAL A 249 29.09 -13.49 15.07
C VAL A 249 30.02 -12.33 15.47
N THR A 250 29.63 -11.56 16.50
CA THR A 250 30.42 -10.41 16.98
C THR A 250 31.90 -10.72 17.10
N GLY A 251 32.24 -11.76 17.85
CA GLY A 251 33.64 -12.05 18.13
C GLY A 251 34.43 -12.42 16.89
N LYS A 252 33.79 -13.18 15.97
CA LYS A 252 34.46 -13.55 14.73
C LYS A 252 34.71 -12.31 13.86
N ILE A 253 33.78 -11.36 13.85
CA ILE A 253 33.99 -10.15 13.06
C ILE A 253 35.22 -9.41 13.55
N TYR A 254 35.36 -9.25 14.86
CA TYR A 254 36.51 -8.54 15.39
C TYR A 254 37.80 -9.21 14.94
N THR A 255 37.82 -10.54 14.97
CA THR A 255 39.02 -11.26 14.53
C THR A 255 39.25 -11.05 13.04
N ALA A 256 38.20 -11.17 12.25
CA ALA A 256 38.37 -11.03 10.81
C ALA A 256 38.89 -9.64 10.46
N LEU A 257 38.40 -8.61 11.18
CA LEU A 257 38.83 -7.25 10.88
C LEU A 257 40.31 -7.08 11.19
N ARG A 258 40.78 -7.68 12.29
CA ARG A 258 42.21 -7.66 12.56
C ARG A 258 42.99 -8.37 11.46
N GLN A 259 42.48 -9.51 10.99
CA GLN A 259 43.17 -10.25 9.94
C GLN A 259 43.20 -9.47 8.62
N LEU A 260 42.21 -8.60 8.37
CA LEU A 260 42.20 -7.77 7.17
C LEU A 260 43.21 -6.61 7.25
N GLY A 261 43.77 -6.33 8.42
CA GLY A 261 44.82 -5.35 8.56
C GLY A 261 44.38 -4.02 9.14
N PHE A 262 43.12 -3.89 9.59
CA PHE A 262 42.72 -2.64 10.22
C PHE A 262 43.53 -2.40 11.49
N ASP A 263 43.79 -1.13 11.78
CA ASP A 263 44.72 -0.76 12.83
C ASP A 263 44.06 -0.57 14.17
N LYS A 264 42.74 -0.37 14.19
CA LYS A 264 42.01 -0.24 15.45
C LYS A 264 40.59 -0.77 15.25
N ILE A 265 40.12 -1.56 16.21
CA ILE A 265 38.84 -2.24 16.08
C ILE A 265 37.90 -1.62 17.12
N PHE A 266 37.07 -0.68 16.68
CA PHE A 266 36.08 -0.05 17.54
C PHE A 266 34.70 -0.61 17.18
N ASP A 267 33.63 0.10 17.59
CA ASP A 267 32.30 -0.40 17.34
C ASP A 267 31.32 0.77 17.31
N ILE A 268 30.46 0.82 16.28
CA ILE A 268 29.49 1.91 16.21
C ILE A 268 28.50 1.85 17.37
N ASN A 269 28.35 0.69 18.02
CA ASN A 269 27.50 0.67 19.21
C ASN A 269 28.01 1.61 20.29
N PHE A 270 29.33 1.91 20.33
CA PHE A 270 29.83 2.97 21.19
C PHE A 270 29.27 4.32 20.74
N GLY A 271 29.26 4.56 19.43
CA GLY A 271 28.60 5.75 18.91
C GLY A 271 27.10 5.78 19.17
N ALA A 272 26.43 4.61 19.19
CA ALA A 272 25.03 4.57 19.59
C ALA A 272 24.86 5.11 21.02
N ASP A 273 25.73 4.68 21.95
CA ASP A 273 25.67 5.21 23.32
C ASP A 273 25.95 6.70 23.35
N MET A 274 26.87 7.20 22.50
CA MET A 274 27.08 8.65 22.42
C MET A 274 25.80 9.36 21.96
N THR A 275 25.17 8.86 20.88
CA THR A 275 23.94 9.50 20.40
C THR A 275 22.89 9.55 21.49
N ILE A 276 22.74 8.46 22.26
CA ILE A 276 21.78 8.49 23.38
C ILE A 276 22.18 9.55 24.40
N MET A 277 23.46 9.61 24.80
CA MET A 277 23.86 10.64 25.73
C MET A 277 23.38 12.02 25.29
N GLU A 278 23.56 12.32 24.00
CA GLU A 278 23.17 13.62 23.48
C GLU A 278 21.67 13.72 23.32
N GLU A 279 21.03 12.67 22.83
CA GLU A 279 19.62 12.75 22.44
C GLU A 279 18.72 12.73 23.66
N ALA A 280 19.07 11.90 24.65
CA ALA A 280 18.31 11.88 25.89
C ALA A 280 18.49 13.20 26.64
N THR A 281 19.69 13.78 26.57
CA THR A 281 19.87 15.09 27.18
C THR A 281 19.01 16.12 26.48
N GLU A 282 18.95 16.08 25.14
CA GLU A 282 18.11 17.02 24.41
C GLU A 282 16.64 16.82 24.74
N LEU A 283 16.21 15.56 24.83
CA LEU A 283 14.82 15.32 25.17
C LEU A 283 14.48 15.87 26.55
N VAL A 284 15.36 15.63 27.53
CA VAL A 284 15.13 16.16 28.88
C VAL A 284 15.12 17.68 28.89
N GLN A 285 15.99 18.31 28.09
CA GLN A 285 15.94 19.77 27.94
C GLN A 285 14.56 20.21 27.47
N ARG A 286 14.02 19.51 26.47
CA ARG A 286 12.70 19.84 25.96
C ARG A 286 11.62 19.56 26.98
N ILE A 287 11.72 18.45 27.71
CA ILE A 287 10.76 18.15 28.78
C ILE A 287 10.77 19.21 29.87
N GLU A 288 11.97 19.61 30.31
CA GLU A 288 12.03 20.53 31.42
C GLU A 288 11.59 21.94 31.01
N ASN A 289 11.83 22.30 29.75
CA ASN A 289 11.35 23.54 29.18
C ASN A 289 9.92 23.43 28.65
N ASN A 290 9.28 22.25 28.72
CA ASN A 290 7.95 22.00 28.15
C ASN A 290 7.88 22.34 26.66
N GLY A 291 8.92 21.98 25.94
CA GLY A 291 8.94 22.14 24.51
C GLY A 291 10.33 22.50 24.01
N PRO A 292 10.48 22.60 22.68
CA PRO A 292 9.45 22.33 21.67
C PRO A 292 9.25 20.85 21.42
N PHE A 293 8.09 20.50 20.86
CA PHE A 293 7.70 19.13 20.56
C PHE A 293 7.01 19.10 19.20
N PRO A 294 7.07 17.97 18.48
CA PRO A 294 7.83 16.76 18.83
C PRO A 294 9.27 16.91 18.44
N MET A 295 10.12 16.15 19.11
CA MET A 295 11.47 15.94 18.62
C MET A 295 11.47 14.65 17.80
N PHE A 296 12.05 14.70 16.60
CA PHE A 296 12.21 13.51 15.78
C PHE A 296 13.66 13.05 15.90
N THR A 297 13.88 11.75 15.82
CA THR A 297 15.25 11.25 15.65
C THR A 297 15.84 11.73 14.33
N SER A 298 17.17 11.70 14.28
CA SER A 298 17.87 12.21 13.10
C SER A 298 18.95 11.24 12.64
N CYS A 299 18.87 10.00 13.08
CA CYS A 299 19.96 9.05 12.96
C CYS A 299 19.84 8.11 11.75
N CYS A 300 18.68 8.07 11.08
CA CYS A 300 18.47 7.30 9.86
C CYS A 300 18.58 8.23 8.67
N PRO A 301 19.60 8.07 7.81
CA PRO A 301 19.77 9.01 6.68
C PRO A 301 18.73 8.82 5.58
N GLY A 302 18.08 7.67 5.52
CA GLY A 302 16.97 7.54 4.59
C GLY A 302 15.83 8.43 5.03
N TRP A 303 15.53 8.44 6.35
CA TRP A 303 14.52 9.34 6.88
C TRP A 303 14.94 10.79 6.70
N VAL A 304 16.19 11.11 6.99
CA VAL A 304 16.62 12.49 6.78
C VAL A 304 16.37 12.92 5.34
N ARG A 305 16.76 12.09 4.36
CA ARG A 305 16.42 12.41 2.98
C ARG A 305 14.91 12.51 2.78
N GLN A 306 14.12 11.62 3.38
CA GLN A 306 12.66 11.72 3.24
C GLN A 306 12.16 13.08 3.76
N ALA A 307 12.73 13.55 4.87
CA ALA A 307 12.32 14.84 5.41
C ALA A 307 12.77 15.97 4.50
N GLU A 308 14.03 15.93 4.08
CA GLU A 308 14.50 16.95 3.14
C GLU A 308 13.61 17.02 1.91
N ASN A 309 13.22 15.87 1.37
CA ASN A 309 12.56 15.79 0.08
C ASN A 309 11.05 16.03 0.16
N TYR A 310 10.42 15.75 1.31
CA TYR A 310 8.96 15.76 1.37
C TYR A 310 8.42 16.57 2.55
N TYR A 311 9.20 16.70 3.64
CA TYR A 311 8.75 17.40 4.85
C TYR A 311 9.87 18.30 5.37
N PRO A 312 10.40 19.20 4.56
CA PRO A 312 11.52 20.02 5.02
C PRO A 312 11.17 20.90 6.21
N GLU A 313 9.88 21.21 6.40
CA GLU A 313 9.42 21.94 7.57
C GLU A 313 9.60 21.17 8.88
N LEU A 314 9.88 19.86 8.81
CA LEU A 314 10.20 19.09 10.00
C LEU A 314 11.68 19.08 10.33
N LEU A 315 12.56 19.60 9.45
CA LEU A 315 13.99 19.54 9.75
C LEU A 315 14.33 20.32 11.01
N ASN A 316 13.58 21.36 11.32
CA ASN A 316 13.81 22.11 12.55
C ASN A 316 13.40 21.34 13.80
N ASN A 317 12.63 20.28 13.65
CA ASN A 317 12.26 19.45 14.79
C ASN A 317 13.16 18.25 14.99
N LEU A 318 14.10 18.01 14.08
CA LEU A 318 14.99 16.86 14.26
C LEU A 318 15.95 17.13 15.42
N SER A 319 16.27 16.08 16.16
CA SER A 319 17.37 16.12 17.10
C SER A 319 18.62 16.59 16.37
N SER A 320 19.42 17.39 17.06
CA SER A 320 20.65 17.86 16.46
C SER A 320 21.81 16.92 16.69
N ALA A 321 21.64 15.88 17.52
CA ALA A 321 22.74 14.94 17.71
C ALA A 321 23.10 14.29 16.38
N LYS A 322 24.39 14.13 16.11
CA LYS A 322 24.77 13.36 14.94
C LYS A 322 24.38 11.88 15.15
N SER A 323 24.23 11.16 14.03
CA SER A 323 23.97 9.73 14.08
C SER A 323 25.17 9.03 14.70
N PRO A 324 24.99 7.80 15.20
CA PRO A 324 26.15 7.07 15.74
C PRO A 324 27.31 7.01 14.78
N GLN A 325 27.04 6.79 13.49
CA GLN A 325 28.13 6.81 12.52
C GLN A 325 28.89 8.13 12.54
N GLN A 326 28.16 9.24 12.39
CA GLN A 326 28.83 10.54 12.24
C GLN A 326 29.35 11.05 13.57
N ILE A 327 28.67 10.76 14.68
CA ILE A 327 29.14 11.20 16.00
C ILE A 327 30.42 10.45 16.38
N PHE A 328 30.45 9.13 16.11
CA PHE A 328 31.64 8.34 16.29
C PHE A 328 32.77 8.91 15.43
N GLY A 329 32.47 9.15 14.15
CA GLY A 329 33.49 9.68 13.25
C GLY A 329 34.08 10.99 13.72
N THR A 330 33.22 11.90 14.15
CA THR A 330 33.69 13.18 14.69
C THR A 330 34.66 12.96 15.84
N ALA A 331 34.27 12.10 16.77
CA ALA A 331 35.12 11.81 17.93
C ALA A 331 36.40 11.11 17.50
N SER A 332 36.35 10.31 16.41
CA SER A 332 37.54 9.58 15.97
C SER A 332 38.64 10.50 15.47
N LYS A 333 38.31 11.74 15.12
CA LYS A 333 39.26 12.72 14.62
C LYS A 333 39.64 13.76 15.66
N THR A 334 39.05 13.72 16.85
CA THR A 334 39.24 14.71 17.88
C THR A 334 39.66 14.02 19.17
N TYR A 335 38.70 13.32 19.80
CA TYR A 335 38.97 12.60 21.04
C TYR A 335 40.02 11.52 20.84
N TYR A 336 39.88 10.71 19.78
CA TYR A 336 40.80 9.58 19.64
C TYR A 336 42.26 10.01 19.49
N PRO A 337 42.62 10.99 18.64
CA PRO A 337 44.00 11.50 18.69
C PRO A 337 44.42 11.95 20.08
N SER A 338 43.49 12.51 20.87
CA SER A 338 43.86 13.04 22.17
C SER A 338 44.26 11.96 23.16
N ILE A 339 43.82 10.72 22.92
CA ILE A 339 44.14 9.59 23.77
C ILE A 339 45.11 8.62 23.12
N SER A 340 45.62 8.93 21.93
CA SER A 340 46.47 7.98 21.20
C SER A 340 47.78 8.62 20.72
N GLY A 341 47.78 9.92 20.48
CA GLY A 341 48.90 10.58 19.87
C GLY A 341 48.91 10.58 18.37
N LEU A 342 47.91 9.97 17.73
CA LEU A 342 47.87 9.96 16.29
C LEU A 342 47.69 11.39 15.78
N ASP A 343 48.35 11.70 14.65
CA ASP A 343 48.04 12.94 13.96
C ASP A 343 46.63 12.81 13.39
N PRO A 344 45.70 13.69 13.72
CA PRO A 344 44.31 13.52 13.22
C PRO A 344 44.23 13.35 11.72
N LYS A 345 45.12 13.98 10.96
CA LYS A 345 45.02 13.88 9.51
C LYS A 345 45.35 12.49 8.97
N ASN A 346 46.01 11.66 9.77
CA ASN A 346 46.38 10.31 9.34
C ASN A 346 45.37 9.28 9.78
N VAL A 347 44.37 9.67 10.58
CA VAL A 347 43.32 8.75 10.97
C VAL A 347 42.36 8.61 9.79
N PHE A 348 42.03 7.37 9.43
CA PHE A 348 41.07 7.09 8.36
C PHE A 348 39.99 6.22 8.97
N THR A 349 38.73 6.70 8.99
CA THR A 349 37.70 6.02 9.77
C THR A 349 36.72 5.35 8.81
N VAL A 350 36.55 4.03 8.99
CA VAL A 350 35.71 3.20 8.14
C VAL A 350 34.61 2.62 8.99
N THR A 351 33.36 2.71 8.51
CA THR A 351 32.28 1.97 9.16
C THR A 351 31.85 0.79 8.30
N VAL A 352 31.31 -0.24 8.94
CA VAL A 352 30.61 -1.34 8.27
C VAL A 352 29.13 -1.20 8.63
N MET A 353 28.29 -1.00 7.62
N MET A 353 28.28 -1.04 7.63
CA MET A 353 26.87 -0.67 7.80
CA MET A 353 26.89 -0.69 7.87
C MET A 353 25.97 -1.67 7.09
C MET A 353 25.94 -1.55 7.05
N PRO A 354 24.75 -1.86 7.61
CA PRO A 354 23.75 -2.64 6.88
C PRO A 354 23.04 -1.78 5.84
N CYS A 355 23.64 -0.66 5.38
CA CYS A 355 22.90 0.45 4.82
C CYS A 355 23.65 1.08 3.66
N THR A 356 22.94 1.42 2.57
CA THR A 356 23.51 2.19 1.48
C THR A 356 23.38 3.68 1.70
N SER A 357 22.32 4.12 2.38
N SER A 357 22.32 4.14 2.37
CA SER A 357 22.09 5.54 2.60
CA SER A 357 22.14 5.58 2.56
C SER A 357 23.19 6.15 3.48
C SER A 357 23.16 6.17 3.53
N LYS A 358 23.79 5.34 4.36
CA LYS A 358 24.90 5.78 5.19
C LYS A 358 26.10 6.29 4.36
N LYS A 359 26.30 5.79 3.13
CA LYS A 359 27.37 6.33 2.28
C LYS A 359 27.09 7.77 1.88
N PHE A 360 25.81 8.10 1.60
CA PHE A 360 25.50 9.49 1.31
C PHE A 360 25.72 10.36 2.54
N GLU A 361 25.28 9.89 3.71
CA GLU A 361 25.48 10.64 4.94
C GLU A 361 26.94 11.00 5.16
N ALA A 362 27.80 10.01 4.98
CA ALA A 362 29.22 10.20 5.27
C ALA A 362 29.88 11.15 4.30
N ASP A 363 29.29 11.33 3.11
N ASP A 363 29.30 11.34 3.10
CA ASP A 363 29.85 12.16 2.05
CA ASP A 363 29.87 12.20 2.07
C ASP A 363 29.21 13.56 1.99
C ASP A 363 29.23 13.58 2.02
N ARG A 364 28.33 13.89 2.95
CA ARG A 364 27.74 15.23 2.99
C ARG A 364 28.84 16.29 3.20
N PRO A 365 28.86 17.35 2.41
CA PRO A 365 29.98 18.32 2.47
C PRO A 365 30.35 18.78 3.88
N GLN A 366 29.35 19.09 4.72
CA GLN A 366 29.61 19.67 6.03
C GLN A 366 29.89 18.63 7.12
N MET A 367 29.84 17.34 6.82
CA MET A 367 30.24 16.28 7.75
C MET A 367 31.77 16.17 7.85
N GLU A 368 32.40 17.29 8.23
CA GLU A 368 33.84 17.30 8.47
C GLU A 368 34.16 18.49 9.36
N LYS A 369 35.39 18.55 9.84
CA LYS A 369 35.84 19.66 10.68
C LYS A 369 37.32 19.81 10.48
N ASP A 370 37.76 21.04 10.27
CA ASP A 370 39.18 21.33 10.05
C ASP A 370 39.76 20.48 8.91
N GLY A 371 38.94 20.28 7.88
CA GLY A 371 39.36 19.53 6.71
C GLY A 371 39.34 18.03 6.88
N LEU A 372 38.96 17.51 8.03
CA LEU A 372 39.01 16.08 8.29
C LEU A 372 37.58 15.55 8.25
N ARG A 373 37.33 14.58 7.37
CA ARG A 373 35.99 13.99 7.31
C ARG A 373 35.67 13.27 8.62
N ASP A 374 34.40 13.36 9.06
CA ASP A 374 33.99 12.50 10.17
C ASP A 374 34.27 11.04 9.84
N ILE A 375 33.82 10.61 8.68
CA ILE A 375 33.90 9.21 8.25
C ILE A 375 34.44 9.23 6.84
N ASP A 376 35.49 8.45 6.60
CA ASP A 376 36.19 8.42 5.32
C ASP A 376 35.67 7.37 4.36
N ALA A 377 35.07 6.29 4.87
CA ALA A 377 34.55 5.25 3.99
C ALA A 377 33.50 4.46 4.74
N VAL A 378 32.51 3.99 3.99
CA VAL A 378 31.43 3.16 4.53
C VAL A 378 31.32 1.94 3.64
N ILE A 379 31.48 0.76 4.21
CA ILE A 379 31.29 -0.48 3.46
C ILE A 379 30.07 -1.20 4.01
N THR A 380 29.28 -1.78 3.10
CA THR A 380 28.12 -2.53 3.55
C THR A 380 28.50 -3.90 4.12
N THR A 381 27.53 -4.51 4.83
CA THR A 381 27.67 -5.89 5.25
C THR A 381 28.15 -6.78 4.10
N ARG A 382 27.51 -6.65 2.93
CA ARG A 382 27.93 -7.41 1.75
C ARG A 382 29.38 -7.12 1.37
N GLU A 383 29.79 -5.86 1.37
CA GLU A 383 31.17 -5.54 1.01
C GLU A 383 32.16 -6.14 1.99
N LEU A 384 31.85 -6.12 3.30
CA LEU A 384 32.77 -6.70 4.27
C LEU A 384 32.88 -8.20 4.05
N ALA A 385 31.75 -8.87 3.75
CA ALA A 385 31.82 -10.31 3.48
C ALA A 385 32.72 -10.60 2.29
N LYS A 386 32.63 -9.78 1.25
CA LYS A 386 33.46 -10.00 0.07
C LYS A 386 34.93 -9.77 0.39
N MET A 387 35.22 -8.73 1.17
CA MET A 387 36.60 -8.50 1.58
C MET A 387 37.15 -9.70 2.34
N ILE A 388 36.35 -10.28 3.24
CA ILE A 388 36.78 -11.44 4.01
C ILE A 388 37.05 -12.64 3.10
N LYS A 389 36.16 -12.88 2.16
CA LYS A 389 36.32 -14.00 1.26
C LYS A 389 37.51 -13.79 0.32
N ASP A 390 37.69 -12.56 -0.19
CA ASP A 390 38.81 -12.31 -1.08
C ASP A 390 40.13 -12.55 -0.36
N ALA A 391 40.19 -12.25 0.94
CA ALA A 391 41.39 -12.44 1.75
C ALA A 391 41.57 -13.88 2.20
N LYS A 392 40.66 -14.77 1.83
CA LYS A 392 40.77 -16.19 2.17
C LYS A 392 40.71 -16.42 3.68
N ILE A 393 39.98 -15.57 4.40
CA ILE A 393 39.88 -15.65 5.84
C ILE A 393 38.75 -16.64 6.17
N PRO A 394 39.03 -17.71 6.95
CA PRO A 394 38.02 -18.75 7.25
C PRO A 394 37.05 -18.36 8.36
N PHE A 395 36.11 -17.50 7.98
CA PHE A 395 35.30 -16.77 8.93
C PHE A 395 34.64 -17.71 9.94
N ALA A 396 34.03 -18.78 9.45
CA ALA A 396 33.24 -19.65 10.30
C ALA A 396 34.09 -20.41 11.31
N LYS A 397 35.41 -20.49 11.09
CA LYS A 397 36.31 -21.17 12.01
C LYS A 397 37.15 -20.22 12.86
N LEU A 398 36.91 -18.91 12.79
CA LEU A 398 37.74 -17.99 13.57
C LEU A 398 37.39 -18.05 15.05
N GLU A 399 38.41 -17.89 15.89
CA GLU A 399 38.19 -17.69 17.32
C GLU A 399 37.68 -16.26 17.58
N ASP A 400 37.03 -16.08 18.72
CA ASP A 400 36.48 -14.77 19.06
C ASP A 400 37.60 -13.89 19.62
N SER A 401 37.53 -12.60 19.31
CA SER A 401 38.36 -11.59 19.97
C SER A 401 37.46 -10.45 20.41
N GLU A 402 38.04 -9.46 21.07
CA GLU A 402 37.28 -8.33 21.58
C GLU A 402 37.63 -7.07 20.82
N ALA A 403 36.76 -6.06 20.91
CA ALA A 403 37.08 -4.74 20.38
C ALA A 403 38.11 -4.04 21.28
N ASP A 404 38.80 -3.07 20.71
CA ASP A 404 39.60 -2.18 21.53
C ASP A 404 38.64 -1.27 22.31
N PRO A 405 38.77 -1.18 23.64
CA PRO A 405 37.64 -0.69 24.45
C PRO A 405 37.37 0.82 24.38
N ALA A 406 38.39 1.64 24.10
CA ALA A 406 38.23 3.09 24.33
C ALA A 406 37.07 3.68 23.54
N MET A 407 36.82 3.17 22.35
CA MET A 407 35.68 3.56 21.53
C MET A 407 34.96 2.31 21.04
N GLY A 408 35.03 1.26 21.86
CA GLY A 408 34.46 -0.03 21.48
C GLY A 408 33.53 -0.66 22.48
N GLU A 409 33.60 -0.26 23.75
CA GLU A 409 32.63 -0.76 24.73
C GLU A 409 31.23 -0.31 24.32
N TYR A 410 30.24 -1.15 24.56
CA TYR A 410 28.86 -0.70 24.37
C TYR A 410 27.91 -1.30 25.39
N SER A 411 26.85 -0.54 25.69
CA SER A 411 25.82 -0.97 26.62
C SER A 411 24.72 -1.72 25.85
N GLY A 412 23.83 -2.36 26.60
CA GLY A 412 22.70 -3.04 25.98
C GLY A 412 21.74 -2.10 25.29
N ALA A 413 21.70 -0.83 25.70
CA ALA A 413 20.85 0.13 25.02
C ALA A 413 21.38 0.43 23.61
N GLY A 414 22.70 0.57 23.48
CA GLY A 414 23.31 0.70 22.16
C GLY A 414 23.11 -0.54 21.31
N ALA A 415 23.14 -1.71 21.96
CA ALA A 415 23.09 -2.98 21.24
C ALA A 415 21.82 -3.11 20.40
N ILE A 416 20.70 -2.52 20.86
CA ILE A 416 19.39 -2.78 20.26
C ILE A 416 19.06 -1.80 19.17
N PHE A 417 19.97 -0.87 18.84
CA PHE A 417 19.68 0.20 17.88
C PHE A 417 19.22 -0.34 16.53
N GLY A 418 19.76 -1.51 16.10
CA GLY A 418 19.44 -1.95 14.75
C GLY A 418 18.04 -2.52 14.57
N ALA A 419 17.24 -2.65 15.62
CA ALA A 419 15.83 -3.07 15.46
C ALA A 419 14.93 -1.85 15.58
N THR A 420 13.81 -1.87 14.83
CA THR A 420 12.83 -0.80 14.94
C THR A 420 12.37 -0.65 16.39
N GLY A 421 12.40 0.58 16.90
CA GLY A 421 12.08 0.85 18.29
C GLY A 421 13.26 0.75 19.22
N GLY A 422 14.40 0.31 18.73
CA GLY A 422 15.58 0.20 19.59
C GLY A 422 16.09 1.56 20.02
N VAL A 423 16.17 2.52 19.10
CA VAL A 423 16.58 3.87 19.46
C VAL A 423 15.64 4.46 20.50
N MET A 424 14.33 4.30 20.30
CA MET A 424 13.33 4.80 21.25
C MET A 424 13.56 4.20 22.62
N GLU A 425 13.63 2.88 22.70
CA GLU A 425 13.82 2.22 23.99
C GLU A 425 15.11 2.66 24.67
N ALA A 426 16.21 2.71 23.89
CA ALA A 426 17.49 3.13 24.44
C ALA A 426 17.41 4.55 24.99
N ALA A 427 16.74 5.44 24.23
CA ALA A 427 16.66 6.85 24.62
C ALA A 427 15.85 7.01 25.89
N LEU A 428 14.75 6.26 26.02
CA LEU A 428 13.91 6.34 27.20
C LEU A 428 14.62 5.85 28.45
N ARG A 429 15.47 4.82 28.32
CA ARG A 429 16.19 4.32 29.49
C ARG A 429 17.03 5.41 30.11
N SER A 430 17.72 6.21 29.28
CA SER A 430 18.54 7.32 29.80
C SER A 430 17.69 8.55 30.14
N ALA A 431 16.69 8.88 29.30
CA ALA A 431 15.94 10.10 29.55
C ALA A 431 15.22 10.02 30.89
N LYS A 432 14.71 8.84 31.24
CA LYS A 432 13.94 8.73 32.46
C LYS A 432 14.84 8.87 33.67
N ASP A 433 16.02 8.24 33.62
CA ASP A 433 17.00 8.41 34.68
C ASP A 433 17.41 9.87 34.81
N PHE A 434 17.69 10.54 33.68
CA PHE A 434 18.15 11.93 33.74
C PHE A 434 17.08 12.82 34.35
N ALA A 435 15.86 12.74 33.82
CA ALA A 435 14.79 13.63 34.24
C ALA A 435 14.41 13.40 35.70
N GLU A 436 14.49 12.16 36.17
CA GLU A 436 14.07 11.85 37.54
C GLU A 436 15.24 11.79 38.52
N ASN A 437 16.46 12.05 38.05
CA ASN A 437 17.67 11.93 38.86
C ASN A 437 17.67 10.61 39.63
N ALA A 438 17.59 9.52 38.87
CA ALA A 438 17.34 8.22 39.45
C ALA A 438 18.06 7.17 38.62
N GLU A 439 18.13 5.95 39.17
CA GLU A 439 18.67 4.79 38.49
C GLU A 439 17.57 3.74 38.54
N LEU A 440 16.67 3.79 37.58
CA LEU A 440 15.50 2.93 37.59
C LEU A 440 15.84 1.51 37.15
N GLU A 441 15.19 0.54 37.79
CA GLU A 441 15.38 -0.86 37.44
C GLU A 441 14.49 -1.31 36.29
N ASP A 442 13.35 -0.67 36.08
CA ASP A 442 12.42 -1.07 35.03
C ASP A 442 12.82 -0.35 33.75
N ILE A 443 13.44 -1.08 32.82
CA ILE A 443 14.05 -0.48 31.64
C ILE A 443 13.57 -1.11 30.34
N GLU A 444 12.74 -2.13 30.38
CA GLU A 444 12.30 -2.76 29.14
C GLU A 444 11.02 -2.10 28.66
N TYR A 445 11.01 -1.67 27.40
CA TYR A 445 9.89 -0.97 26.78
C TYR A 445 9.38 -1.82 25.62
N LYS A 446 8.84 -3.00 25.95
CA LYS A 446 8.44 -3.91 24.89
C LYS A 446 7.32 -3.34 24.02
N GLN A 447 6.59 -2.32 24.49
CA GLN A 447 5.46 -1.80 23.72
C GLN A 447 5.91 -1.02 22.48
N VAL A 448 7.19 -0.65 22.36
CA VAL A 448 7.71 0.00 21.16
C VAL A 448 8.41 -0.98 20.22
N ARG A 449 8.47 -2.26 20.58
CA ARG A 449 9.20 -3.23 19.76
C ARG A 449 8.29 -3.88 18.71
N GLY A 450 8.95 -4.58 17.77
CA GLY A 450 8.25 -5.42 16.83
C GLY A 450 7.90 -4.75 15.53
N LEU A 451 7.19 -5.51 14.69
CA LEU A 451 7.09 -5.16 13.28
C LEU A 451 5.87 -4.33 12.91
N ASN A 452 5.03 -3.94 13.86
CA ASN A 452 3.94 -3.03 13.50
C ASN A 452 4.50 -1.76 12.88
N GLY A 453 3.80 -1.22 11.89
CA GLY A 453 4.36 -0.13 11.11
C GLY A 453 4.36 1.20 11.84
N ILE A 454 3.37 1.41 12.68
CA ILE A 454 3.28 2.61 13.50
C ILE A 454 2.98 2.14 14.90
N LYS A 455 3.86 2.47 15.85
CA LYS A 455 3.77 2.00 17.24
C LYS A 455 3.75 3.22 18.15
N GLU A 456 2.69 3.35 18.94
CA GLU A 456 2.65 4.47 19.86
C GLU A 456 2.66 3.96 21.29
N ALA A 457 3.18 4.78 22.19
CA ALA A 457 3.11 4.46 23.60
C ALA A 457 3.04 5.74 24.42
N GLU A 458 2.43 5.63 25.59
CA GLU A 458 2.44 6.69 26.59
C GLU A 458 3.48 6.31 27.62
N VAL A 459 4.35 7.25 27.97
CA VAL A 459 5.39 7.01 28.96
C VAL A 459 5.29 8.08 30.03
N GLU A 460 5.58 7.68 31.26
CA GLU A 460 5.58 8.63 32.37
C GLU A 460 7.01 8.98 32.68
N ILE A 461 7.32 10.28 32.67
CA ILE A 461 8.63 10.77 33.03
C ILE A 461 8.46 11.91 34.04
N ASN A 462 9.04 11.74 35.22
CA ASN A 462 8.96 12.74 36.29
C ASN A 462 7.52 13.23 36.49
N ASN A 463 6.61 12.28 36.66
CA ASN A 463 5.22 12.53 37.05
C ASN A 463 4.37 13.13 35.92
N ASN A 464 4.88 13.14 34.70
CA ASN A 464 4.13 13.68 33.57
C ASN A 464 4.03 12.60 32.50
N LYS A 465 2.90 12.55 31.82
CA LYS A 465 2.70 11.57 30.76
C LYS A 465 3.09 12.19 29.43
N TYR A 466 3.88 11.45 28.65
CA TYR A 466 4.33 11.89 27.34
C TYR A 466 3.98 10.82 26.33
N ASN A 467 3.82 11.27 25.09
CA ASN A 467 3.46 10.39 23.99
C ASN A 467 4.63 10.22 23.05
N VAL A 468 4.95 8.96 22.73
CA VAL A 468 6.01 8.67 21.78
C VAL A 468 5.44 7.84 20.64
N ALA A 469 6.09 7.92 19.50
CA ALA A 469 5.73 7.09 18.36
C ALA A 469 7.01 6.52 17.77
N VAL A 470 6.89 5.31 17.27
CA VAL A 470 7.95 4.67 16.52
C VAL A 470 7.38 4.39 15.14
N ILE A 471 7.94 5.06 14.13
CA ILE A 471 7.52 4.91 12.74
C ILE A 471 8.50 3.93 12.09
N ASN A 472 7.95 2.86 11.53
CA ASN A 472 8.74 1.68 11.17
C ASN A 472 8.60 1.48 9.66
N GLY A 473 9.47 2.14 8.90
CA GLY A 473 9.47 2.10 7.42
C GLY A 473 9.02 3.42 6.83
N ALA A 474 9.62 3.79 5.70
CA ALA A 474 9.36 5.09 5.08
C ALA A 474 7.92 5.21 4.62
N SER A 475 7.35 4.11 4.12
CA SER A 475 5.94 4.15 3.71
C SER A 475 5.05 4.49 4.90
N ASN A 476 5.44 4.05 6.10
CA ASN A 476 4.66 4.33 7.29
C ASN A 476 4.83 5.76 7.78
N LEU A 477 5.98 6.39 7.50
CA LEU A 477 6.09 7.83 7.72
C LEU A 477 5.06 8.58 6.89
N PHE A 478 4.96 8.26 5.59
CA PHE A 478 3.96 8.90 4.75
C PHE A 478 2.56 8.70 5.29
N LYS A 479 2.24 7.46 5.70
CA LYS A 479 0.91 7.19 6.25
C LYS A 479 0.65 8.04 7.48
N PHE A 480 1.61 8.07 8.41
CA PHE A 480 1.46 8.85 9.65
C PHE A 480 1.25 10.34 9.36
N MET A 481 2.01 10.90 8.42
CA MET A 481 1.86 12.32 8.12
C MET A 481 0.60 12.59 7.30
N LYS A 482 0.41 11.86 6.19
CA LYS A 482 -0.68 12.18 5.27
C LYS A 482 -2.04 11.93 5.90
N SER A 483 -2.16 10.97 6.81
N SER A 483 -2.15 10.96 6.81
CA SER A 483 -3.42 10.70 7.45
CA SER A 483 -3.40 10.65 7.50
C SER A 483 -3.78 11.67 8.57
C SER A 483 -3.75 11.62 8.62
N GLY A 484 -2.87 12.56 8.94
CA GLY A 484 -3.14 13.47 10.04
C GLY A 484 -2.86 12.91 11.41
N MET A 485 -2.23 11.75 11.50
CA MET A 485 -1.93 11.10 12.77
C MET A 485 -1.09 12.00 13.66
N ILE A 486 -0.17 12.76 13.06
CA ILE A 486 0.68 13.66 13.84
C ILE A 486 -0.14 14.67 14.61
N ASN A 487 -1.37 14.95 14.17
CA ASN A 487 -2.25 15.92 14.80
C ASN A 487 -3.33 15.30 15.69
N GLU A 488 -3.40 13.97 15.75
CA GLU A 488 -4.41 13.31 16.57
C GLU A 488 -4.12 13.46 18.05
N LYS A 489 -2.86 13.66 18.43
CA LYS A 489 -2.52 13.99 19.80
C LYS A 489 -1.19 14.71 19.74
N GLN A 490 -0.74 15.24 20.88
CA GLN A 490 0.57 15.88 20.96
C GLN A 490 1.65 14.83 21.13
N TYR A 491 2.51 14.67 20.10
CA TYR A 491 3.67 13.79 20.23
C TYR A 491 4.85 14.56 20.78
N HIS A 492 5.66 13.88 21.57
CA HIS A 492 6.82 14.51 22.18
C HIS A 492 8.13 14.01 21.61
N PHE A 493 8.20 12.73 21.24
CA PHE A 493 9.43 12.14 20.73
C PHE A 493 9.03 11.06 19.76
N ILE A 494 9.59 11.09 18.56
CA ILE A 494 9.20 10.19 17.47
C ILE A 494 10.49 9.64 16.87
N GLU A 495 10.60 8.31 16.82
CA GLU A 495 11.65 7.62 16.07
C GLU A 495 11.15 7.31 14.67
N VAL A 496 11.98 7.55 13.65
CA VAL A 496 11.65 7.14 12.27
C VAL A 496 12.80 6.32 11.69
N MET A 497 12.49 5.13 11.17
CA MET A 497 13.43 4.32 10.40
C MET A 497 12.87 4.19 8.99
N ALA A 498 13.73 4.33 7.99
CA ALA A 498 13.31 4.20 6.60
C ALA A 498 13.04 2.77 6.18
N CYS A 499 13.75 1.79 6.75
CA CYS A 499 13.62 0.39 6.38
C CYS A 499 12.71 -0.32 7.39
N HIS A 500 11.62 -0.94 6.90
CA HIS A 500 10.74 -1.69 7.79
C HIS A 500 11.52 -2.79 8.50
N GLY A 501 11.39 -2.86 9.82
CA GLY A 501 12.17 -3.75 10.67
C GLY A 501 13.35 -3.06 11.32
N GLY A 502 13.71 -1.87 10.83
CA GLY A 502 14.91 -1.20 11.29
C GLY A 502 16.09 -1.60 10.44
N CYS A 503 17.27 -1.18 10.91
CA CYS A 503 18.49 -1.40 10.14
C CYS A 503 18.81 -2.88 9.92
N VAL A 504 18.27 -3.79 10.74
CA VAL A 504 18.50 -5.19 10.41
C VAL A 504 17.96 -5.53 9.04
N ASN A 505 17.03 -4.73 8.52
CA ASN A 505 16.51 -4.92 7.18
C ASN A 505 17.05 -3.86 6.21
N GLY A 506 18.27 -3.37 6.42
CA GLY A 506 18.78 -2.30 5.57
C GLY A 506 19.20 -2.77 4.20
N GLY A 507 19.45 -1.77 3.33
CA GLY A 507 19.70 -2.02 1.92
C GLY A 507 21.12 -2.53 1.61
N GLY A 508 21.99 -2.54 2.62
CA GLY A 508 23.32 -3.11 2.50
C GLY A 508 23.46 -4.50 3.03
N GLN A 509 22.33 -5.14 3.41
CA GLN A 509 22.32 -6.43 4.09
C GLN A 509 22.44 -7.62 3.12
N PRO A 510 22.76 -8.81 3.63
CA PRO A 510 22.78 -10.01 2.77
C PRO A 510 21.43 -10.20 2.08
N HIS A 511 21.46 -10.50 0.78
CA HIS A 511 20.25 -10.89 0.10
C HIS A 511 19.76 -12.22 0.66
N VAL A 512 18.44 -12.38 0.66
CA VAL A 512 17.76 -13.59 1.10
C VAL A 512 16.80 -13.99 -0.02
N ASN A 513 16.85 -15.24 -0.44
CA ASN A 513 16.00 -15.67 -1.55
C ASN A 513 14.55 -15.78 -1.11
N PRO A 514 13.61 -15.67 -2.04
CA PRO A 514 12.20 -15.59 -1.64
C PRO A 514 11.74 -16.81 -0.84
N LYS A 515 12.30 -17.98 -1.11
CA LYS A 515 11.86 -19.15 -0.36
C LYS A 515 12.33 -19.09 1.08
N ASP A 516 13.57 -18.64 1.31
CA ASP A 516 14.02 -18.49 2.69
C ASP A 516 13.20 -17.44 3.42
N LEU A 517 12.83 -16.35 2.73
CA LEU A 517 12.02 -15.32 3.36
C LEU A 517 10.67 -15.86 3.83
N GLU A 518 10.15 -16.91 3.17
CA GLU A 518 8.90 -17.51 3.62
C GLU A 518 9.11 -18.43 4.81
N LYS A 519 10.28 -19.04 4.90
CA LYS A 519 10.63 -19.96 5.98
C LYS A 519 11.10 -19.20 7.22
N VAL A 520 11.75 -18.05 7.05
CA VAL A 520 12.41 -17.33 8.13
C VAL A 520 11.89 -15.90 8.16
N ASP A 521 11.48 -15.43 9.34
CA ASP A 521 11.19 -14.00 9.54
C ASP A 521 12.49 -13.27 9.76
N ILE A 522 13.05 -12.76 8.66
CA ILE A 522 14.43 -12.26 8.70
C ILE A 522 14.53 -11.06 9.63
N LYS A 523 13.52 -10.19 9.62
CA LYS A 523 13.55 -9.01 10.48
C LYS A 523 13.57 -9.41 11.96
N LYS A 524 12.75 -10.39 12.35
CA LYS A 524 12.69 -10.81 13.76
C LYS A 524 13.92 -11.59 14.14
N VAL A 525 14.37 -12.49 13.28
CA VAL A 525 15.50 -13.33 13.64
C VAL A 525 16.79 -12.49 13.75
N ARG A 526 17.01 -11.57 12.83
CA ARG A 526 18.18 -10.72 12.99
C ARG A 526 18.07 -9.83 14.23
N ALA A 527 16.89 -9.24 14.46
CA ALA A 527 16.72 -8.41 15.65
C ALA A 527 16.93 -9.21 16.94
N SER A 528 16.57 -10.49 16.94
CA SER A 528 16.67 -11.29 18.17
C SER A 528 18.10 -11.37 18.69
N VAL A 529 19.09 -11.31 17.78
CA VAL A 529 20.48 -11.33 18.22
C VAL A 529 20.78 -10.12 19.07
N LEU A 530 20.22 -8.97 18.67
CA LEU A 530 20.53 -7.72 19.35
C LEU A 530 19.85 -7.66 20.70
N TYR A 531 18.56 -8.02 20.75
CA TYR A 531 17.89 -8.07 22.05
C TYR A 531 18.56 -9.07 22.99
N ASN A 532 19.04 -10.21 22.47
CA ASN A 532 19.76 -11.16 23.32
C ASN A 532 21.00 -10.55 23.94
N GLN A 533 21.74 -9.76 23.16
CA GLN A 533 22.93 -9.09 23.72
C GLN A 533 22.55 -8.17 24.85
N ASP A 534 21.49 -7.37 24.66
CA ASP A 534 21.02 -6.47 25.71
C ASP A 534 20.64 -7.24 26.96
N GLU A 535 19.94 -8.36 26.80
CA GLU A 535 19.49 -9.14 27.95
C GLU A 535 20.67 -9.60 28.82
N HIS A 536 21.82 -9.88 28.21
CA HIS A 536 22.91 -10.48 28.97
C HIS A 536 24.06 -9.54 29.26
N LEU A 537 23.98 -8.30 28.79
CA LEU A 537 24.99 -7.31 29.14
C LEU A 537 24.77 -6.76 30.54
N SER A 538 25.89 -6.53 31.24
CA SER A 538 25.81 -5.99 32.59
C SER A 538 25.30 -4.56 32.60
N LYS A 539 25.75 -3.73 31.66
CA LYS A 539 25.31 -2.35 31.58
C LYS A 539 24.29 -2.25 30.45
N ARG A 540 23.09 -1.77 30.76
CA ARG A 540 22.00 -1.71 29.79
C ARG A 540 21.48 -0.29 29.57
N LYS A 541 22.25 0.71 30.00
CA LYS A 541 21.92 2.10 29.80
C LYS A 541 23.15 2.77 29.21
N SER A 542 22.93 3.58 28.17
CA SER A 542 24.07 4.19 27.47
C SER A 542 24.96 5.00 28.39
N HIS A 543 24.40 5.64 29.41
CA HIS A 543 25.18 6.48 30.29
C HIS A 543 25.95 5.70 31.33
N GLU A 544 25.86 4.37 31.31
CA GLU A 544 26.65 3.53 32.17
C GLU A 544 27.88 2.96 31.45
N ASN A 545 28.00 3.22 30.16
CA ASN A 545 29.17 2.80 29.39
C ASN A 545 30.45 3.45 29.96
N THR A 546 31.37 2.64 30.47
CA THR A 546 32.48 3.21 31.23
C THR A 546 33.46 3.96 30.33
N ALA A 547 33.75 3.42 29.14
CA ALA A 547 34.60 4.15 28.20
C ALA A 547 33.97 5.46 27.78
N LEU A 548 32.63 5.45 27.57
CA LEU A 548 31.95 6.68 27.19
C LEU A 548 32.04 7.72 28.30
N VAL A 549 31.79 7.30 29.55
CA VAL A 549 31.85 8.23 30.68
C VAL A 549 33.22 8.90 30.75
N LYS A 550 34.30 8.11 30.61
CA LYS A 550 35.65 8.68 30.62
C LYS A 550 35.84 9.69 29.50
N MET A 551 35.34 9.36 28.30
CA MET A 551 35.40 10.28 27.18
C MET A 551 34.75 11.63 27.48
N TYR A 552 33.53 11.61 28.01
CA TYR A 552 32.86 12.86 28.33
C TYR A 552 33.57 13.57 29.46
N GLN A 553 33.94 12.85 30.52
CA GLN A 553 34.61 13.48 31.66
C GLN A 553 35.93 14.15 31.24
N ASN A 554 36.71 13.48 30.40
CA ASN A 554 38.06 13.96 30.11
C ASN A 554 38.14 14.86 28.91
N TYR A 555 37.15 14.82 28.02
CA TYR A 555 37.32 15.48 26.73
C TYR A 555 36.12 16.35 26.35
N PHE A 556 34.90 15.78 26.30
CA PHE A 556 33.77 16.53 25.78
C PHE A 556 33.06 17.42 26.81
N GLY A 557 33.13 17.09 28.09
CA GLY A 557 32.34 17.86 29.06
C GLY A 557 30.91 17.37 29.18
N LYS A 558 30.01 18.28 29.52
CA LYS A 558 28.57 17.95 29.67
C LYS A 558 27.94 17.74 28.30
N PRO A 559 27.16 16.68 28.11
CA PRO A 559 26.46 16.50 26.82
C PRO A 559 25.43 17.60 26.63
N GLY A 560 25.11 17.85 25.36
CA GLY A 560 24.01 18.73 25.03
C GLY A 560 24.27 20.20 25.21
N GLU A 561 25.49 20.60 25.55
CA GLU A 561 25.82 22.01 25.65
C GLU A 561 27.30 22.18 25.34
N GLY A 562 27.72 23.44 25.25
CA GLY A 562 29.13 23.76 25.13
C GLY A 562 29.82 23.01 24.00
N ARG A 563 30.96 22.40 24.35
CA ARG A 563 31.81 21.71 23.39
C ARG A 563 31.09 20.55 22.74
N ALA A 564 30.40 19.74 23.55
CA ALA A 564 29.69 18.61 23.00
C ALA A 564 28.66 19.06 21.96
N HIS A 565 27.93 20.15 22.24
CA HIS A 565 26.98 20.63 21.23
C HIS A 565 27.69 21.20 20.02
N GLU A 566 28.81 21.91 20.23
CA GLU A 566 29.53 22.51 19.12
C GLU A 566 30.05 21.45 18.16
N ILE A 567 30.54 20.33 18.67
CA ILE A 567 31.26 19.37 17.87
C ILE A 567 30.42 18.17 17.45
N LEU A 568 29.50 17.71 18.31
CA LEU A 568 28.85 16.42 18.10
C LEU A 568 27.46 16.54 17.50
N HIS A 569 27.05 17.76 17.14
CA HIS A 569 25.71 18.03 16.65
C HIS A 569 25.76 18.58 15.23
N PHE A 570 24.61 18.53 14.54
CA PHE A 570 24.59 18.91 13.13
C PHE A 570 23.17 19.32 12.82
N LYS A 571 23.00 20.45 12.17
CA LYS A 571 21.71 20.90 11.64
C LYS A 571 21.75 20.93 10.12
N TYR A 572 20.71 20.40 9.49
CA TYR A 572 20.69 20.27 8.03
C TYR A 572 20.48 21.61 7.33
N LYS A 573 21.27 21.84 6.28
CA LYS A 573 21.22 23.12 5.57
C LYS A 573 19.83 23.40 5.01
N LYS A 574 19.16 22.35 4.53
CA LYS A 574 17.84 22.55 3.95
C LYS A 574 16.80 22.95 4.98
N SER A 575 17.16 23.01 6.27
CA SER A 575 16.23 23.46 7.29
C SER A 575 15.85 24.92 7.10
N ALA A 576 16.71 25.71 6.46
CA ALA A 576 16.43 27.12 6.24
C ALA A 576 15.98 27.35 4.80
N TRP A 577 15.46 28.55 4.56
CA TRP A 577 14.88 28.91 3.27
C TRP A 577 15.95 29.10 2.21
N SER A 578 15.58 28.80 0.96
CA SER A 578 16.40 29.10 -0.20
C SER A 578 15.51 29.07 -1.44
N HIS A 579 15.92 29.81 -2.47
CA HIS A 579 15.18 29.83 -3.72
C HIS A 579 16.09 30.30 -4.84
N PRO A 580 16.09 29.65 -6.01
CA PRO A 580 15.30 28.43 -6.26
C PRO A 580 15.97 27.18 -5.69
N GLN A 581 15.26 26.05 -5.75
CA GLN A 581 15.83 24.78 -5.32
C GLN A 581 16.16 23.89 -6.52
N LYS B 2 3.47 -25.87 16.53
CA LYS B 2 3.09 -24.89 17.54
C LYS B 2 1.89 -25.40 18.36
N THR B 3 1.94 -25.21 19.69
CA THR B 3 0.97 -25.78 20.63
C THR B 3 0.29 -24.64 21.38
N ILE B 4 -1.03 -24.51 21.20
CA ILE B 4 -1.78 -23.40 21.79
C ILE B 4 -3.09 -23.91 22.41
N ILE B 5 -3.47 -23.33 23.55
CA ILE B 5 -4.73 -23.63 24.22
C ILE B 5 -5.60 -22.39 24.15
N ILE B 6 -6.79 -22.52 23.53
CA ILE B 6 -7.79 -21.45 23.50
C ILE B 6 -9.05 -21.95 24.17
N ASN B 7 -9.51 -21.21 25.19
CA ASN B 7 -10.70 -21.56 25.97
C ASN B 7 -10.77 -23.07 26.23
N GLY B 8 -9.64 -23.64 26.61
CA GLY B 8 -9.59 -25.07 26.90
C GLY B 8 -9.08 -25.95 25.77
N VAL B 9 -9.58 -25.73 24.53
CA VAL B 9 -9.20 -26.61 23.43
C VAL B 9 -7.70 -26.52 23.17
N GLN B 10 -7.09 -27.63 22.79
CA GLN B 10 -5.70 -27.65 22.38
C GLN B 10 -5.66 -27.67 20.86
N PHE B 11 -4.81 -26.81 20.28
CA PHE B 11 -4.65 -26.76 18.83
C PHE B 11 -3.17 -26.90 18.49
N ASN B 12 -2.88 -27.44 17.31
CA ASN B 12 -1.52 -27.58 16.83
C ASN B 12 -1.47 -27.06 15.40
N THR B 13 -0.58 -26.10 15.12
CA THR B 13 -0.60 -25.39 13.84
C THR B 13 0.79 -24.92 13.47
N ASP B 14 1.11 -24.92 12.18
CA ASP B 14 2.32 -24.26 11.69
C ASP B 14 2.02 -22.86 11.20
N GLU B 15 0.80 -22.38 11.47
CA GLU B 15 0.34 -21.11 10.95
C GLU B 15 1.01 -19.96 11.71
N ASP B 16 1.41 -18.94 10.99
CA ASP B 16 1.91 -17.72 11.59
C ASP B 16 0.82 -16.68 11.36
N THR B 17 0.01 -16.46 12.39
CA THR B 17 -1.14 -15.58 12.25
C THR B 17 -1.48 -14.97 13.60
N THR B 18 -2.42 -14.04 13.59
CA THR B 18 -2.85 -13.39 14.80
C THR B 18 -3.83 -14.28 15.55
N ILE B 19 -3.99 -13.97 16.85
CA ILE B 19 -5.02 -14.65 17.63
C ILE B 19 -6.39 -14.46 16.98
N LEU B 20 -6.71 -13.23 16.57
CA LEU B 20 -8.02 -12.97 15.98
C LEU B 20 -8.23 -13.81 14.73
N LYS B 21 -7.26 -13.80 13.82
CA LYS B 21 -7.40 -14.59 12.59
C LYS B 21 -7.53 -16.09 12.90
N PHE B 22 -6.69 -16.60 13.81
CA PHE B 22 -6.75 -18.02 14.16
C PHE B 22 -8.10 -18.39 14.77
N ALA B 23 -8.59 -17.57 15.69
CA ALA B 23 -9.87 -17.85 16.33
C ALA B 23 -11.01 -17.78 15.32
N ARG B 24 -10.99 -16.77 14.44
CA ARG B 24 -12.01 -16.66 13.41
C ARG B 24 -11.95 -17.86 12.46
N ASP B 25 -10.74 -18.35 12.17
CA ASP B 25 -10.61 -19.51 11.29
C ASP B 25 -11.13 -20.78 11.95
N ASN B 26 -10.87 -20.95 13.25
CA ASN B 26 -11.31 -22.12 13.99
C ASN B 26 -12.64 -21.91 14.69
N ASN B 27 -13.46 -20.99 14.18
CA ASN B 27 -14.83 -20.78 14.64
C ASN B 27 -14.90 -20.54 16.15
N ILE B 28 -14.09 -19.58 16.61
CA ILE B 28 -14.05 -19.18 18.01
C ILE B 28 -14.41 -17.70 18.04
N ASP B 29 -15.27 -17.31 18.98
CA ASP B 29 -15.85 -15.96 18.95
C ASP B 29 -14.89 -14.95 19.59
N ILE B 30 -14.43 -13.98 18.79
CA ILE B 30 -13.70 -12.83 19.29
C ILE B 30 -14.26 -11.60 18.59
N SER B 31 -14.59 -10.57 19.38
CA SER B 31 -15.12 -9.35 18.80
C SER B 31 -13.97 -8.46 18.32
N ALA B 32 -14.30 -7.55 17.42
CA ALA B 32 -13.34 -6.55 16.94
C ALA B 32 -14.13 -5.35 16.46
N LEU B 33 -13.49 -4.19 16.44
CA LEU B 33 -14.12 -3.00 15.88
C LEU B 33 -13.18 -2.29 14.92
N CYS B 34 -12.06 -1.73 15.42
CA CYS B 34 -11.26 -0.90 14.53
C CYS B 34 -10.44 -1.67 13.50
N PHE B 35 -10.31 -2.99 13.65
CA PHE B 35 -9.52 -3.78 12.72
C PHE B 35 -10.29 -4.00 11.42
N LEU B 36 -9.77 -3.48 10.31
CA LEU B 36 -10.42 -3.61 9.01
C LEU B 36 -9.34 -3.41 7.96
N ASN B 37 -9.45 -4.12 6.84
CA ASN B 37 -8.44 -4.01 5.79
C ASN B 37 -7.02 -4.30 6.32
N ASN B 38 -6.91 -5.27 7.22
CA ASN B 38 -5.63 -5.73 7.76
C ASN B 38 -4.90 -4.66 8.57
N CYS B 39 -5.65 -3.72 9.14
N CYS B 39 -5.64 -3.71 9.14
CA CYS B 39 -5.07 -2.59 9.86
CA CYS B 39 -5.02 -2.63 9.89
C CYS B 39 -5.97 -2.24 11.03
C CYS B 39 -5.95 -2.24 11.02
N ASN B 40 -5.38 -1.99 12.20
CA ASN B 40 -6.15 -1.43 13.30
C ASN B 40 -5.76 0.04 13.49
N ASN B 41 -6.45 0.72 14.42
CA ASN B 41 -6.18 2.14 14.69
C ASN B 41 -4.95 2.21 15.59
N ASP B 42 -3.76 2.21 14.99
CA ASP B 42 -2.54 2.07 15.79
C ASP B 42 -2.37 3.16 16.84
N ILE B 43 -2.82 4.38 16.57
CA ILE B 43 -2.63 5.49 17.51
C ILE B 43 -3.75 5.61 18.52
N ASN B 44 -4.79 4.78 18.41
CA ASN B 44 -5.88 4.81 19.38
C ASN B 44 -6.60 3.48 19.27
N LYS B 45 -5.91 2.39 19.64
CA LYS B 45 -6.49 1.06 19.53
C LYS B 45 -7.81 0.97 20.27
N CYS B 46 -8.83 0.41 19.62
CA CYS B 46 -10.14 0.31 20.27
C CYS B 46 -10.13 -0.72 21.39
N GLU B 47 -9.29 -1.75 21.28
CA GLU B 47 -9.18 -2.84 22.25
C GLU B 47 -10.45 -3.69 22.41
N ILE B 48 -11.38 -3.61 21.45
CA ILE B 48 -12.54 -4.50 21.49
C ILE B 48 -12.13 -5.95 21.30
N CYS B 49 -11.03 -6.20 20.61
CA CYS B 49 -10.49 -7.54 20.39
C CYS B 49 -9.69 -8.09 21.59
N THR B 50 -9.85 -7.53 22.79
CA THR B 50 -9.02 -7.94 23.93
C THR B 50 -9.28 -9.40 24.24
N VAL B 51 -8.18 -10.14 24.45
CA VAL B 51 -8.18 -11.48 25.00
C VAL B 51 -7.11 -11.54 26.08
N GLU B 52 -7.08 -12.66 26.78
CA GLU B 52 -6.16 -12.81 27.91
C GLU B 52 -5.22 -13.97 27.62
N VAL B 53 -3.93 -13.71 27.69
CA VAL B 53 -2.90 -14.73 27.58
C VAL B 53 -2.23 -14.84 28.93
N GLU B 54 -2.20 -16.04 29.49
CA GLU B 54 -1.59 -16.22 30.80
C GLU B 54 -0.08 -16.07 30.71
N GLY B 55 0.50 -15.36 31.68
CA GLY B 55 1.88 -14.97 31.67
C GLY B 55 2.12 -13.55 31.21
N THR B 56 1.19 -12.98 30.44
CA THR B 56 1.30 -11.61 29.94
C THR B 56 0.12 -10.74 30.33
N GLY B 57 -1.10 -11.27 30.33
CA GLY B 57 -2.26 -10.49 30.70
C GLY B 57 -3.22 -10.24 29.54
N LEU B 58 -3.74 -9.01 29.44
CA LEU B 58 -4.65 -8.67 28.36
C LEU B 58 -3.87 -8.16 27.15
N VAL B 59 -4.24 -8.64 25.96
CA VAL B 59 -3.60 -8.23 24.72
C VAL B 59 -4.70 -8.00 23.66
N THR B 60 -4.36 -7.25 22.62
CA THR B 60 -5.28 -7.02 21.49
C THR B 60 -5.10 -8.17 20.50
N ALA B 61 -6.15 -8.98 20.33
CA ALA B 61 -6.03 -10.19 19.53
C ALA B 61 -5.84 -9.89 18.05
N CYS B 62 -6.29 -8.72 17.59
CA CYS B 62 -6.18 -8.41 16.17
C CYS B 62 -4.75 -8.15 15.72
N ASP B 63 -3.83 -7.86 16.64
CA ASP B 63 -2.46 -7.60 16.25
C ASP B 63 -1.46 -8.35 17.12
N THR B 64 -1.86 -9.48 17.70
CA THR B 64 -0.99 -10.28 18.54
C THR B 64 -0.89 -11.66 17.92
N LEU B 65 0.32 -12.05 17.51
CA LEU B 65 0.53 -13.34 16.87
C LEU B 65 0.50 -14.47 17.88
N ILE B 66 0.06 -15.64 17.41
CA ILE B 66 0.08 -16.83 18.26
C ILE B 66 1.52 -17.28 18.46
N GLU B 67 1.85 -17.63 19.70
CA GLU B 67 3.18 -18.10 20.08
C GLU B 67 3.09 -19.47 20.73
N ASP B 68 4.22 -20.19 20.69
CA ASP B 68 4.26 -21.55 21.24
C ASP B 68 4.03 -21.52 22.75
N GLY B 69 3.13 -22.38 23.21
CA GLY B 69 2.83 -22.50 24.62
C GLY B 69 1.79 -21.52 25.14
N MET B 70 1.32 -20.59 24.30
CA MET B 70 0.36 -19.61 24.75
C MET B 70 -0.92 -20.28 25.24
N ILE B 71 -1.53 -19.71 26.27
CA ILE B 71 -2.81 -20.16 26.80
C ILE B 71 -3.76 -18.96 26.78
N ILE B 72 -4.81 -19.04 25.96
CA ILE B 72 -5.65 -17.91 25.63
C ILE B 72 -7.03 -18.08 26.26
N ASN B 73 -7.52 -17.01 26.87
CA ASN B 73 -8.88 -16.94 27.42
C ASN B 73 -9.58 -15.76 26.76
N THR B 74 -10.56 -16.06 25.91
CA THR B 74 -11.26 -15.01 25.16
C THR B 74 -12.50 -14.48 25.88
N ASN B 75 -12.91 -15.11 26.99
CA ASN B 75 -14.17 -14.75 27.64
C ASN B 75 -14.05 -14.74 29.16
N SER B 76 -12.84 -14.57 29.70
CA SER B 76 -12.71 -14.46 31.14
C SER B 76 -13.39 -13.19 31.64
N ASP B 77 -13.58 -13.12 32.96
CA ASP B 77 -14.19 -11.94 33.55
C ASP B 77 -13.41 -10.67 33.21
N ALA B 78 -12.09 -10.72 33.35
CA ALA B 78 -11.27 -9.55 33.10
C ALA B 78 -11.37 -9.09 31.65
N VAL B 79 -11.48 -10.04 30.72
CA VAL B 79 -11.62 -9.67 29.30
C VAL B 79 -12.94 -8.96 29.08
N ASN B 80 -14.04 -9.54 29.55
CA ASN B 80 -15.36 -8.94 29.35
C ASN B 80 -15.45 -7.57 29.99
N GLU B 81 -14.90 -7.40 31.19
CA GLU B 81 -14.94 -6.10 31.83
C GLU B 81 -14.16 -5.05 31.03
N LYS B 82 -13.01 -5.43 30.49
CA LYS B 82 -12.22 -4.51 29.67
C LYS B 82 -13.02 -4.05 28.44
N ILE B 83 -13.62 -5.00 27.72
CA ILE B 83 -14.31 -4.67 26.47
C ILE B 83 -15.54 -3.81 26.76
N LYS B 84 -16.33 -4.21 27.76
CA LYS B 84 -17.50 -3.45 28.18
C LYS B 84 -17.12 -2.02 28.54
N SER B 85 -15.99 -1.85 29.22
CA SER B 85 -15.56 -0.50 29.58
C SER B 85 -15.22 0.32 28.34
N ARG B 86 -14.59 -0.30 27.33
CA ARG B 86 -14.25 0.44 26.11
C ARG B 86 -15.51 0.85 25.36
N ILE B 87 -16.51 -0.03 25.30
CA ILE B 87 -17.75 0.33 24.62
C ILE B 87 -18.49 1.39 25.42
N SER B 88 -18.43 1.32 26.75
CA SER B 88 -19.01 2.38 27.58
C SER B 88 -18.40 3.73 27.25
N GLN B 89 -17.07 3.78 27.11
CA GLN B 89 -16.44 5.06 26.81
C GLN B 89 -16.84 5.58 25.43
N LEU B 90 -17.03 4.67 24.47
CA LEU B 90 -17.54 5.08 23.16
C LEU B 90 -18.98 5.58 23.25
N LEU B 91 -19.81 4.94 24.08
CA LEU B 91 -21.17 5.46 24.27
C LEU B 91 -21.15 6.89 24.79
N ASP B 92 -20.15 7.24 25.60
CA ASP B 92 -20.03 8.59 26.16
C ASP B 92 -19.80 9.64 25.08
N ILE B 93 -19.41 9.25 23.86
CA ILE B 93 -19.23 10.19 22.76
C ILE B 93 -20.17 9.89 21.59
N HIS B 94 -21.21 9.08 21.83
CA HIS B 94 -22.05 8.60 20.74
C HIS B 94 -23.50 8.97 21.03
N GLU B 95 -24.15 9.61 20.07
CA GLU B 95 -25.58 9.91 20.18
C GLU B 95 -26.31 8.62 19.87
N PHE B 96 -26.73 7.93 20.93
CA PHE B 96 -27.28 6.58 20.83
C PHE B 96 -28.80 6.69 20.66
N LYS B 97 -29.20 6.98 19.41
CA LYS B 97 -30.59 7.19 19.03
C LYS B 97 -30.87 6.39 17.75
N CYS B 98 -31.00 5.08 17.90
CA CYS B 98 -31.03 4.19 16.73
C CYS B 98 -32.35 4.26 15.96
N GLY B 99 -33.44 4.73 16.57
CA GLY B 99 -34.74 4.73 15.94
C GLY B 99 -34.73 5.24 14.49
N PRO B 100 -34.35 6.49 14.29
CA PRO B 100 -34.32 7.06 12.93
C PRO B 100 -32.99 6.94 12.21
N CYS B 101 -32.04 6.21 12.78
CA CYS B 101 -30.68 6.16 12.24
C CYS B 101 -30.59 5.35 10.96
N ASN B 102 -29.82 5.85 9.99
CA ASN B 102 -29.70 5.18 8.70
C ASN B 102 -28.85 3.90 8.73
N ARG B 103 -28.29 3.54 9.88
CA ARG B 103 -27.61 2.26 10.02
C ARG B 103 -28.30 1.32 11.00
N ARG B 104 -29.50 1.67 11.45
CA ARG B 104 -30.25 0.92 12.47
C ARG B 104 -30.20 -0.58 12.24
N GLU B 105 -30.29 -1.01 10.98
CA GLU B 105 -30.43 -2.44 10.70
C GLU B 105 -29.12 -3.19 10.51
N ASN B 106 -27.97 -2.50 10.37
CA ASN B 106 -26.72 -3.21 10.16
C ASN B 106 -25.55 -2.45 10.77
N CYS B 107 -25.72 -1.94 11.98
CA CYS B 107 -24.69 -1.14 12.63
C CYS B 107 -23.80 -2.02 13.51
N GLU B 108 -22.47 -1.92 13.31
CA GLU B 108 -21.58 -2.74 14.12
C GLU B 108 -21.55 -2.31 15.57
N PHE B 109 -21.69 -1.01 15.85
CA PHE B 109 -21.60 -0.54 17.22
C PHE B 109 -22.82 -0.99 18.02
N LEU B 110 -24.02 -0.85 17.44
CA LEU B 110 -25.21 -1.32 18.15
C LEU B 110 -25.06 -2.80 18.51
N LYS B 111 -24.52 -3.61 17.60
CA LYS B 111 -24.38 -5.04 17.87
C LYS B 111 -23.43 -5.28 19.04
N LEU B 112 -22.38 -4.45 19.13
CA LEU B 112 -21.42 -4.55 20.23
C LEU B 112 -22.06 -4.13 21.55
N VAL B 113 -22.86 -3.04 21.52
CA VAL B 113 -23.51 -2.58 22.75
C VAL B 113 -24.44 -3.65 23.26
N ILE B 114 -25.20 -4.27 22.36
CA ILE B 114 -26.13 -5.33 22.77
C ILE B 114 -25.36 -6.52 23.31
N LYS B 115 -24.28 -6.91 22.62
CA LYS B 115 -23.55 -8.12 23.01
C LYS B 115 -22.93 -7.99 24.40
N TYR B 116 -22.36 -6.83 24.70
CA TYR B 116 -21.66 -6.64 25.97
C TYR B 116 -22.49 -5.93 27.03
N LYS B 117 -23.73 -5.56 26.70
CA LYS B 117 -24.62 -4.89 27.66
C LYS B 117 -24.02 -3.59 28.19
N ALA B 118 -23.40 -2.84 27.28
CA ALA B 118 -22.68 -1.63 27.69
C ALA B 118 -23.66 -0.49 27.92
N ARG B 119 -23.32 0.36 28.87
CA ARG B 119 -24.09 1.57 29.14
C ARG B 119 -23.14 2.75 29.27
N ALA B 120 -23.58 3.91 28.81
CA ALA B 120 -22.77 5.11 28.96
C ALA B 120 -22.62 5.49 30.42
N SER B 121 -21.47 6.06 30.76
CA SER B 121 -21.36 6.71 32.07
C SER B 121 -22.22 7.97 32.12
N LYS B 122 -22.41 8.60 30.98
CA LYS B 122 -23.19 9.83 30.81
C LYS B 122 -23.69 9.84 29.37
N PRO B 123 -24.99 9.69 29.13
CA PRO B 123 -25.47 9.66 27.74
C PRO B 123 -25.09 10.94 27.00
N PHE B 124 -24.63 10.77 25.77
CA PHE B 124 -24.24 11.89 24.92
C PHE B 124 -25.47 12.38 24.16
N LEU B 125 -25.97 13.55 24.52
CA LEU B 125 -27.25 14.05 24.01
C LEU B 125 -27.12 15.51 23.59
N PRO B 126 -26.33 15.78 22.53
CA PRO B 126 -26.21 17.17 22.07
C PRO B 126 -27.57 17.73 21.66
N LYS B 127 -27.85 18.95 22.15
CA LYS B 127 -29.14 19.58 21.89
C LYS B 127 -29.21 20.17 20.49
N ASP B 128 -28.08 20.56 19.93
CA ASP B 128 -27.99 21.11 18.60
C ASP B 128 -26.88 20.34 17.91
N LYS B 129 -27.19 19.74 16.75
CA LYS B 129 -26.25 18.88 16.06
C LYS B 129 -25.54 19.59 14.91
N THR B 130 -25.90 20.83 14.61
CA THR B 130 -25.45 21.44 13.35
C THR B 130 -23.93 21.53 13.26
N GLU B 131 -23.25 21.79 14.38
CA GLU B 131 -21.80 21.87 14.35
C GLU B 131 -21.11 20.52 14.17
N TYR B 132 -21.82 19.41 14.40
CA TYR B 132 -21.30 18.06 14.20
C TYR B 132 -21.53 17.52 12.79
N VAL B 133 -22.40 18.16 12.00
CA VAL B 133 -22.85 17.63 10.72
C VAL B 133 -22.27 18.46 9.59
N ASP B 134 -21.81 17.78 8.55
CA ASP B 134 -21.29 18.45 7.35
C ASP B 134 -22.00 17.84 6.15
N GLU B 135 -22.98 18.58 5.60
CA GLU B 135 -23.72 18.15 4.43
C GLU B 135 -23.40 19.01 3.20
N ARG B 136 -22.24 19.66 3.19
CA ARG B 136 -21.92 20.56 2.09
C ARG B 136 -21.66 19.84 0.77
N SER B 137 -21.13 18.62 0.83
CA SER B 137 -20.71 17.91 -0.37
C SER B 137 -21.91 17.47 -1.19
N LYS B 138 -21.72 17.39 -2.51
CA LYS B 138 -22.71 16.79 -3.39
C LYS B 138 -22.78 15.26 -3.26
N SER B 139 -21.82 14.63 -2.53
CA SER B 139 -21.74 13.17 -2.52
C SER B 139 -21.67 12.56 -1.14
N LEU B 140 -20.92 13.17 -0.21
CA LEU B 140 -20.66 12.59 1.10
C LEU B 140 -21.27 13.44 2.19
N THR B 141 -21.60 12.83 3.32
CA THR B 141 -21.99 13.63 4.46
C THR B 141 -21.35 13.05 5.72
N VAL B 142 -21.15 13.90 6.71
CA VAL B 142 -20.53 13.52 7.98
C VAL B 142 -21.49 13.88 9.10
N ASP B 143 -21.69 12.94 10.03
CA ASP B 143 -22.41 13.19 11.28
C ASP B 143 -21.48 12.76 12.42
N ARG B 144 -20.77 13.72 13.01
CA ARG B 144 -19.76 13.39 14.02
C ARG B 144 -20.37 13.00 15.36
N THR B 145 -21.68 13.19 15.57
CA THR B 145 -22.28 12.62 16.78
C THR B 145 -22.24 11.11 16.79
N LYS B 146 -21.94 10.46 15.66
CA LYS B 146 -21.88 9.01 15.60
C LYS B 146 -20.47 8.47 15.53
N CYS B 147 -19.46 9.34 15.37
CA CYS B 147 -18.14 8.87 15.01
C CYS B 147 -17.40 8.32 16.21
N LEU B 148 -16.85 7.12 16.06
CA LEU B 148 -16.17 6.38 17.10
C LEU B 148 -14.67 6.65 17.13
N LEU B 149 -14.18 7.44 16.17
CA LEU B 149 -12.75 7.68 16.03
C LEU B 149 -11.96 6.37 15.94
N CYS B 150 -12.52 5.44 15.16
CA CYS B 150 -11.93 4.12 14.96
C CYS B 150 -10.90 4.11 13.83
N GLY B 151 -10.84 5.17 13.03
CA GLY B 151 -9.85 5.32 11.98
C GLY B 151 -10.08 4.47 10.74
N ARG B 152 -11.22 3.74 10.63
CA ARG B 152 -11.36 2.83 9.52
C ARG B 152 -11.50 3.58 8.20
N CYS B 153 -12.15 4.76 8.21
CA CYS B 153 -12.28 5.56 7.00
C CYS B 153 -10.93 6.11 6.55
N VAL B 154 -10.14 6.59 7.50
CA VAL B 154 -8.80 7.14 7.19
C VAL B 154 -7.94 6.06 6.57
N ASN B 155 -7.94 4.87 7.18
N ASN B 155 -7.94 4.87 7.17
CA ASN B 155 -7.14 3.77 6.66
CA ASN B 155 -7.13 3.81 6.60
C ASN B 155 -7.66 3.31 5.30
C ASN B 155 -7.66 3.35 5.26
N ALA B 156 -8.99 3.28 5.11
CA ALA B 156 -9.57 2.83 3.85
C ALA B 156 -9.28 3.81 2.72
N CYS B 157 -9.35 5.12 2.97
CA CYS B 157 -9.07 6.07 1.91
C CYS B 157 -7.62 5.89 1.47
N GLY B 158 -6.70 5.83 2.44
CA GLY B 158 -5.29 5.62 2.09
C GLY B 158 -5.07 4.35 1.26
N LYS B 159 -5.65 3.23 1.69
CA LYS B 159 -5.45 1.96 0.99
C LYS B 159 -6.12 1.97 -0.38
N ASN B 160 -7.37 2.44 -0.45
CA ASN B 160 -8.10 2.31 -1.71
C ASN B 160 -7.73 3.36 -2.74
N THR B 161 -7.37 4.58 -2.28
CA THR B 161 -7.14 5.68 -3.21
C THR B 161 -5.74 6.26 -3.14
N GLU B 162 -5.08 6.15 -2.00
CA GLU B 162 -3.79 6.81 -1.75
C GLU B 162 -3.90 8.33 -1.81
N THR B 163 -5.11 8.90 -1.80
CA THR B 163 -5.22 10.36 -1.72
C THR B 163 -5.03 10.85 -0.29
N TYR B 164 -5.43 10.04 0.69
CA TYR B 164 -5.48 10.46 2.09
C TYR B 164 -6.33 11.71 2.24
N ALA B 165 -7.37 11.84 1.42
CA ALA B 165 -8.27 12.97 1.60
C ALA B 165 -8.98 12.95 2.95
N MET B 166 -9.23 11.78 3.53
CA MET B 166 -9.91 11.71 4.81
C MET B 166 -8.79 11.66 5.85
N LYS B 167 -8.80 12.58 6.80
CA LYS B 167 -7.73 12.69 7.80
C LYS B 167 -8.26 12.80 9.23
N PHE B 168 -7.38 12.52 10.18
CA PHE B 168 -7.58 13.01 11.54
C PHE B 168 -7.21 14.48 11.57
N LEU B 169 -8.04 15.27 12.26
CA LEU B 169 -7.87 16.70 12.39
C LEU B 169 -8.01 17.08 13.86
N ASN B 170 -7.34 18.18 14.23
CA ASN B 170 -7.49 18.79 15.54
C ASN B 170 -8.40 20.00 15.33
N LYS B 171 -9.62 19.92 15.89
CA LYS B 171 -10.59 21.01 15.87
C LYS B 171 -10.86 21.43 17.31
N ASN B 172 -10.41 22.64 17.66
CA ASN B 172 -10.62 23.20 19.00
C ASN B 172 -10.12 22.25 20.09
N GLY B 173 -8.94 21.66 19.86
CA GLY B 173 -8.38 20.74 20.83
C GLY B 173 -9.06 19.39 20.91
N LYS B 174 -9.94 19.08 19.97
CA LYS B 174 -10.66 17.81 19.98
C LYS B 174 -10.43 17.13 18.64
N THR B 175 -10.28 15.80 18.67
CA THR B 175 -10.01 15.05 17.43
C THR B 175 -11.30 14.82 16.66
N ILE B 176 -11.25 15.10 15.36
CA ILE B 176 -12.33 14.76 14.44
C ILE B 176 -11.69 14.12 13.20
N ILE B 177 -12.53 13.49 12.38
CA ILE B 177 -12.14 13.14 11.02
C ILE B 177 -12.76 14.13 10.04
N GLY B 178 -12.09 14.32 8.92
CA GLY B 178 -12.60 15.21 7.90
C GLY B 178 -11.52 15.48 6.87
N ALA B 179 -11.78 16.47 6.04
CA ALA B 179 -10.83 16.85 5.01
C ALA B 179 -9.87 17.90 5.55
N GLU B 180 -8.74 18.06 4.85
CA GLU B 180 -7.77 19.09 5.22
C GLU B 180 -8.45 20.43 5.44
N ASP B 181 -8.12 21.08 6.55
CA ASP B 181 -8.64 22.38 6.95
C ASP B 181 -10.16 22.39 7.07
N GLU B 182 -10.76 21.21 7.23
CA GLU B 182 -12.22 21.11 7.37
C GLU B 182 -12.94 21.67 6.14
N LYS B 183 -12.30 21.58 4.98
CA LYS B 183 -12.94 22.01 3.75
C LYS B 183 -14.05 21.04 3.34
N CYS B 184 -14.93 21.52 2.47
CA CYS B 184 -15.86 20.59 1.85
C CYS B 184 -15.07 19.56 1.02
N PHE B 185 -15.40 18.27 1.17
CA PHE B 185 -14.68 17.25 0.42
C PHE B 185 -14.59 17.55 -1.08
N ASP B 186 -15.66 18.11 -1.66
CA ASP B 186 -15.67 18.38 -3.10
C ASP B 186 -14.56 19.32 -3.53
N ASP B 187 -14.13 20.20 -2.62
CA ASP B 187 -13.10 21.19 -2.89
C ASP B 187 -11.71 20.64 -2.66
N THR B 188 -11.59 19.36 -2.33
CA THR B 188 -10.29 18.80 -2.04
C THR B 188 -9.92 17.80 -3.14
N ASN B 189 -8.83 17.08 -2.95
CA ASN B 189 -8.45 16.07 -3.92
C ASN B 189 -9.26 14.78 -3.82
N CYS B 190 -10.20 14.73 -2.88
CA CYS B 190 -11.09 13.59 -2.74
C CYS B 190 -11.73 13.20 -4.07
N LEU B 191 -11.86 11.89 -4.28
CA LEU B 191 -12.49 11.36 -5.49
C LEU B 191 -14.00 11.20 -5.36
N LEU B 192 -14.53 11.35 -4.15
CA LEU B 192 -15.95 11.20 -3.81
C LEU B 192 -16.42 9.79 -4.06
N CYS B 193 -15.48 8.83 -3.97
CA CYS B 193 -15.71 7.40 -4.23
C CYS B 193 -16.46 6.70 -3.10
N GLY B 194 -16.51 7.27 -1.90
CA GLY B 194 -17.25 6.67 -0.78
C GLY B 194 -16.67 5.42 -0.18
N GLN B 195 -15.39 5.12 -0.46
CA GLN B 195 -14.79 3.96 0.19
C GLN B 195 -14.70 4.17 1.70
N CYS B 196 -14.60 5.42 2.12
CA CYS B 196 -14.65 5.72 3.55
C CYS B 196 -16.02 5.38 4.16
N ILE B 197 -17.14 5.64 3.44
CA ILE B 197 -18.46 5.25 3.94
C ILE B 197 -18.52 3.72 4.10
N ILE B 198 -18.05 3.00 3.08
CA ILE B 198 -18.10 1.55 3.08
C ILE B 198 -17.35 0.98 4.31
N ALA B 199 -16.29 1.65 4.74
CA ALA B 199 -15.48 1.20 5.86
C ALA B 199 -16.06 1.59 7.21
N CYS B 200 -17.08 2.43 7.24
CA CYS B 200 -17.51 2.99 8.51
C CYS B 200 -18.46 2.04 9.20
N PRO B 201 -18.23 1.75 10.48
CA PRO B 201 -19.07 0.77 11.20
C PRO B 201 -20.41 1.34 11.68
N VAL B 202 -20.60 2.64 11.59
CA VAL B 202 -21.74 3.36 12.14
C VAL B 202 -22.27 4.31 11.10
N ALA B 203 -23.22 5.18 11.49
CA ALA B 203 -23.80 6.18 10.58
C ALA B 203 -23.03 7.49 10.55
N ALA B 204 -21.73 7.50 10.85
CA ALA B 204 -21.00 8.76 10.83
C ALA B 204 -20.77 9.27 9.42
N LEU B 205 -20.41 8.39 8.48
CA LEU B 205 -20.25 8.78 7.08
C LEU B 205 -21.40 8.20 6.28
N SER B 206 -21.98 9.02 5.41
CA SER B 206 -23.12 8.62 4.59
C SER B 206 -23.05 9.27 3.22
N GLU B 207 -23.92 8.79 2.33
CA GLU B 207 -24.11 9.48 1.06
C GLU B 207 -24.99 10.71 1.27
N LYS B 208 -24.74 11.73 0.43
CA LYS B 208 -25.59 12.90 0.36
C LYS B 208 -26.93 12.47 -0.20
N SER B 209 -28.00 12.61 0.57
CA SER B 209 -29.28 12.07 0.16
C SER B 209 -29.89 12.79 -1.05
N HIS B 210 -30.42 12.00 -1.98
CA HIS B 210 -31.31 12.53 -3.02
C HIS B 210 -32.74 12.01 -2.85
N MET B 211 -33.06 11.42 -1.70
CA MET B 211 -34.37 10.81 -1.48
C MET B 211 -35.50 11.84 -1.64
N ASP B 212 -35.29 13.06 -1.13
CA ASP B 212 -36.38 14.04 -1.21
C ASP B 212 -36.56 14.54 -2.66
N ARG B 213 -35.46 14.68 -3.41
CA ARG B 213 -35.58 14.99 -4.84
C ARG B 213 -36.51 14.00 -5.52
N VAL B 214 -36.27 12.72 -5.25
CA VAL B 214 -37.06 11.67 -5.90
C VAL B 214 -38.50 11.69 -5.42
N LYS B 215 -38.71 11.72 -4.10
CA LYS B 215 -40.07 11.71 -3.57
C LYS B 215 -40.87 12.91 -4.05
N ASN B 216 -40.24 14.09 -4.06
CA ASN B 216 -40.96 15.28 -4.51
C ASN B 216 -41.35 15.15 -5.98
N ALA B 217 -40.45 14.62 -6.81
CA ALA B 217 -40.79 14.41 -8.22
C ALA B 217 -41.91 13.38 -8.38
N LEU B 218 -41.82 12.27 -7.66
CA LEU B 218 -42.88 11.26 -7.79
C LEU B 218 -44.23 11.83 -7.43
N ASN B 219 -44.26 12.68 -6.42
CA ASN B 219 -45.52 13.27 -5.95
C ASN B 219 -46.00 14.46 -6.77
N ALA B 220 -45.15 15.05 -7.61
CA ALA B 220 -45.56 16.20 -8.41
C ALA B 220 -46.47 15.70 -9.53
N PRO B 221 -47.69 16.20 -9.64
CA PRO B 221 -48.59 15.63 -10.66
C PRO B 221 -48.04 15.68 -12.07
N GLU B 222 -47.36 16.76 -12.44
CA GLU B 222 -46.94 16.94 -13.83
C GLU B 222 -45.61 16.27 -14.18
N LYS B 223 -44.89 15.75 -13.19
CA LYS B 223 -43.59 15.15 -13.49
C LYS B 223 -43.74 13.71 -13.95
N HIS B 224 -43.05 13.36 -15.02
CA HIS B 224 -42.96 11.98 -15.49
C HIS B 224 -41.59 11.47 -15.07
N VAL B 225 -41.54 10.58 -14.07
CA VAL B 225 -40.30 10.20 -13.42
C VAL B 225 -39.81 8.89 -14.04
N ILE B 226 -38.67 8.97 -14.76
CA ILE B 226 -38.00 7.82 -15.32
C ILE B 226 -37.01 7.35 -14.27
N VAL B 227 -36.89 6.03 -14.10
CA VAL B 227 -35.83 5.47 -13.27
C VAL B 227 -35.02 4.47 -14.09
N ALA B 228 -33.73 4.41 -13.83
CA ALA B 228 -32.86 3.46 -14.51
C ALA B 228 -31.73 3.10 -13.55
N MET B 229 -31.51 1.80 -13.35
N MET B 229 -31.49 1.80 -13.36
CA MET B 229 -30.52 1.33 -12.40
CA MET B 229 -30.51 1.34 -12.40
C MET B 229 -29.22 0.94 -13.10
C MET B 229 -29.21 0.96 -13.10
N ALA B 230 -28.11 1.12 -12.37
CA ALA B 230 -26.80 0.72 -12.82
C ALA B 230 -26.67 -0.80 -12.92
N PRO B 231 -25.69 -1.26 -13.70
CA PRO B 231 -25.42 -2.72 -13.73
C PRO B 231 -25.35 -3.35 -12.35
N SER B 232 -24.60 -2.74 -11.42
CA SER B 232 -24.29 -3.44 -10.18
C SER B 232 -25.49 -3.58 -9.25
N VAL B 233 -26.53 -2.75 -9.40
CA VAL B 233 -27.59 -2.73 -8.41
C VAL B 233 -28.28 -4.08 -8.37
N ARG B 234 -28.43 -4.72 -9.54
CA ARG B 234 -29.17 -5.98 -9.60
C ARG B 234 -28.41 -7.16 -9.03
N ALA B 235 -27.12 -6.99 -8.76
CA ALA B 235 -26.25 -8.02 -8.18
C ALA B 235 -26.01 -7.79 -6.70
N SER B 236 -26.66 -6.78 -6.10
N SER B 236 -26.63 -6.77 -6.09
CA SER B 236 -26.29 -6.36 -4.76
CA SER B 236 -26.25 -6.39 -4.72
C SER B 236 -27.48 -6.15 -3.83
C SER B 236 -27.40 -5.99 -3.81
N ILE B 237 -28.52 -5.45 -4.31
CA ILE B 237 -29.52 -4.90 -3.39
C ILE B 237 -30.20 -5.99 -2.60
N GLY B 238 -30.30 -7.20 -3.15
CA GLY B 238 -30.91 -8.29 -2.39
C GLY B 238 -30.22 -8.57 -1.05
N GLU B 239 -28.95 -8.17 -0.91
CA GLU B 239 -28.28 -8.28 0.39
C GLU B 239 -29.05 -7.57 1.49
N LEU B 240 -29.74 -6.45 1.17
CA LEU B 240 -30.43 -5.67 2.19
C LEU B 240 -31.85 -6.19 2.49
N PHE B 241 -32.26 -7.26 1.81
CA PHE B 241 -33.59 -7.86 1.95
C PHE B 241 -33.49 -9.32 2.35
N ASN B 242 -32.39 -9.67 3.04
CA ASN B 242 -32.25 -11.00 3.63
C ASN B 242 -32.09 -12.10 2.58
N MET B 243 -31.62 -11.76 1.38
CA MET B 243 -31.67 -12.70 0.28
C MET B 243 -30.29 -13.34 0.12
N GLY B 244 -29.30 -12.89 0.90
CA GLY B 244 -27.93 -13.40 0.79
C GLY B 244 -27.14 -12.68 -0.28
N PHE B 245 -25.98 -13.25 -0.58
CA PHE B 245 -25.01 -12.67 -1.51
C PHE B 245 -25.09 -13.36 -2.87
N GLY B 246 -24.84 -12.58 -3.92
CA GLY B 246 -24.73 -13.15 -5.24
C GLY B 246 -26.03 -13.44 -5.95
N VAL B 247 -27.12 -12.81 -5.54
CA VAL B 247 -28.44 -13.09 -6.08
C VAL B 247 -28.79 -12.08 -7.16
N ASP B 248 -29.26 -12.59 -8.30
CA ASP B 248 -29.72 -11.74 -9.39
C ASP B 248 -31.17 -11.35 -9.11
N VAL B 249 -31.39 -10.08 -8.79
CA VAL B 249 -32.74 -9.60 -8.44
C VAL B 249 -33.27 -8.59 -9.46
N THR B 250 -32.76 -8.65 -10.70
CA THR B 250 -33.18 -7.73 -11.75
C THR B 250 -34.70 -7.60 -11.84
N GLY B 251 -35.41 -8.73 -11.95
CA GLY B 251 -36.85 -8.67 -12.18
C GLY B 251 -37.61 -8.15 -10.99
N LYS B 252 -37.12 -8.45 -9.79
CA LYS B 252 -37.79 -7.91 -8.60
C LYS B 252 -37.61 -6.40 -8.53
N ILE B 253 -36.43 -5.90 -8.90
CA ILE B 253 -36.23 -4.46 -8.86
C ILE B 253 -37.20 -3.75 -9.79
N TYR B 254 -37.37 -4.28 -11.02
CA TYR B 254 -38.31 -3.65 -11.95
C TYR B 254 -39.72 -3.57 -11.35
N THR B 255 -40.16 -4.65 -10.69
CA THR B 255 -41.46 -4.62 -10.04
C THR B 255 -41.51 -3.61 -8.89
N ALA B 256 -40.44 -3.58 -8.08
CA ALA B 256 -40.41 -2.68 -6.93
C ALA B 256 -40.47 -1.24 -7.37
N LEU B 257 -39.76 -0.91 -8.47
CA LEU B 257 -39.76 0.45 -8.97
C LEU B 257 -41.15 0.86 -9.46
N ARG B 258 -41.86 -0.05 -10.12
CA ARG B 258 -43.25 0.26 -10.49
C ARG B 258 -44.10 0.50 -9.25
N GLN B 259 -43.94 -0.31 -8.21
CA GLN B 259 -44.74 -0.14 -7.01
C GLN B 259 -44.39 1.11 -6.23
N LEU B 260 -43.16 1.63 -6.40
CA LEU B 260 -42.79 2.93 -5.85
C LEU B 260 -43.44 4.09 -6.59
N GLY B 261 -44.03 3.86 -7.76
CA GLY B 261 -44.73 4.89 -8.48
C GLY B 261 -43.95 5.52 -9.63
N PHE B 262 -42.76 5.00 -9.96
CA PHE B 262 -42.03 5.55 -11.09
C PHE B 262 -42.85 5.37 -12.37
N ASP B 263 -42.72 6.34 -13.29
CA ASP B 263 -43.61 6.37 -14.46
C ASP B 263 -43.04 5.63 -15.65
N LYS B 264 -41.74 5.34 -15.65
CA LYS B 264 -41.14 4.56 -16.74
C LYS B 264 -39.92 3.87 -16.17
N ILE B 265 -39.79 2.57 -16.46
CA ILE B 265 -38.72 1.72 -15.93
C ILE B 265 -37.77 1.44 -17.08
N PHE B 266 -36.63 2.14 -17.07
CA PHE B 266 -35.57 1.87 -18.03
C PHE B 266 -34.37 1.23 -17.31
N ASP B 267 -33.20 1.26 -17.92
CA ASP B 267 -32.03 0.59 -17.32
C ASP B 267 -30.77 1.28 -17.80
N ILE B 268 -29.84 1.55 -16.86
CA ILE B 268 -28.58 2.19 -17.26
C ILE B 268 -27.77 1.28 -18.16
N ASN B 269 -28.04 -0.04 -18.15
CA ASN B 269 -27.30 -0.90 -19.07
C ASN B 269 -27.58 -0.56 -20.54
N PHE B 270 -28.76 0.02 -20.84
CA PHE B 270 -29.01 0.60 -22.15
C PHE B 270 -28.04 1.74 -22.42
N GLY B 271 -27.84 2.62 -21.42
CA GLY B 271 -26.83 3.65 -21.52
C GLY B 271 -25.41 3.10 -21.66
N ALA B 272 -25.15 1.94 -21.06
CA ALA B 272 -23.82 1.32 -21.23
C ALA B 272 -23.62 0.90 -22.68
N ASP B 273 -24.65 0.31 -23.29
CA ASP B 273 -24.58 0.00 -24.72
C ASP B 273 -24.39 1.28 -25.54
N MET B 274 -25.03 2.40 -25.14
CA MET B 274 -24.81 3.66 -25.87
C MET B 274 -23.36 4.11 -25.73
N THR B 275 -22.84 4.08 -24.50
CA THR B 275 -21.43 4.46 -24.31
C THR B 275 -20.52 3.61 -25.18
N ILE B 276 -20.83 2.32 -25.34
CA ILE B 276 -19.98 1.47 -26.18
C ILE B 276 -20.09 1.87 -27.62
N MET B 277 -21.31 2.17 -28.11
N MET B 277 -21.31 2.16 -28.11
CA MET B 277 -21.43 2.64 -29.48
CA MET B 277 -21.44 2.65 -29.47
C MET B 277 -20.50 3.81 -29.76
C MET B 277 -20.52 3.82 -29.76
N GLU B 278 -20.49 4.80 -28.85
CA GLU B 278 -19.66 5.98 -29.05
C GLU B 278 -18.20 5.67 -28.80
N GLU B 279 -17.91 4.90 -27.75
CA GLU B 279 -16.52 4.67 -27.36
C GLU B 279 -15.79 3.74 -28.32
N ALA B 280 -16.46 2.66 -28.75
CA ALA B 280 -15.87 1.79 -29.78
C ALA B 280 -15.68 2.55 -31.09
N THR B 281 -16.64 3.43 -31.46
CA THR B 281 -16.47 4.24 -32.66
C THR B 281 -15.28 5.16 -32.53
N GLU B 282 -15.12 5.79 -31.35
N GLU B 282 -15.11 5.77 -31.35
CA GLU B 282 -14.00 6.70 -31.13
CA GLU B 282 -14.00 6.70 -31.18
C GLU B 282 -12.68 5.95 -31.18
C GLU B 282 -12.67 5.96 -31.16
N LEU B 283 -12.64 4.74 -30.61
CA LEU B 283 -11.40 3.96 -30.63
C LEU B 283 -10.98 3.62 -32.05
N VAL B 284 -11.95 3.23 -32.89
CA VAL B 284 -11.65 2.92 -34.28
C VAL B 284 -11.21 4.19 -35.02
N GLN B 285 -11.82 5.33 -34.71
CA GLN B 285 -11.36 6.59 -35.31
C GLN B 285 -9.91 6.89 -34.93
N ARG B 286 -9.56 6.65 -33.66
CA ARG B 286 -8.19 6.90 -33.26
C ARG B 286 -7.24 5.92 -33.91
N ILE B 287 -7.66 4.66 -34.05
CA ILE B 287 -6.83 3.70 -34.79
C ILE B 287 -6.59 4.19 -36.21
N GLU B 288 -7.64 4.71 -36.86
CA GLU B 288 -7.52 5.19 -38.24
C GLU B 288 -6.72 6.50 -38.33
N ASN B 289 -6.70 7.31 -37.27
CA ASN B 289 -6.00 8.59 -37.29
C ASN B 289 -4.69 8.54 -36.54
N ASN B 290 -4.22 7.35 -36.18
CA ASN B 290 -2.96 7.18 -35.45
C ASN B 290 -2.95 7.87 -34.08
N GLY B 291 -4.12 7.93 -33.44
CA GLY B 291 -4.23 8.54 -32.15
C GLY B 291 -5.26 9.65 -32.09
N PRO B 292 -5.20 10.47 -31.03
CA PRO B 292 -4.14 10.42 -30.01
C PRO B 292 -4.24 9.18 -29.11
N PHE B 293 -3.10 8.67 -28.65
CA PHE B 293 -3.06 7.53 -27.77
C PHE B 293 -2.30 7.92 -26.51
N PRO B 294 -2.59 7.30 -25.38
CA PRO B 294 -3.73 6.39 -25.20
C PRO B 294 -5.04 7.14 -25.09
N MET B 295 -6.12 6.42 -25.36
N MET B 295 -6.12 6.41 -25.31
CA MET B 295 -7.44 6.89 -24.97
CA MET B 295 -7.44 6.90 -24.98
C MET B 295 -7.75 6.29 -23.61
C MET B 295 -7.84 6.28 -23.64
N PHE B 296 -8.19 7.12 -22.67
CA PHE B 296 -8.65 6.63 -21.38
C PHE B 296 -10.17 6.66 -21.37
N THR B 297 -10.80 5.68 -20.71
CA THR B 297 -12.23 5.76 -20.43
C THR B 297 -12.52 7.01 -19.57
N SER B 298 -13.77 7.48 -19.65
CA SER B 298 -14.16 8.67 -18.89
C SER B 298 -15.46 8.43 -18.12
N CYS B 299 -15.82 7.19 -17.91
CA CYS B 299 -17.13 6.83 -17.39
C CYS B 299 -17.18 6.67 -15.89
N CYS B 300 -16.02 6.62 -15.20
CA CYS B 300 -15.98 6.55 -13.75
C CYS B 300 -15.69 7.95 -13.20
N PRO B 301 -16.65 8.59 -12.53
CA PRO B 301 -16.42 9.98 -12.07
C PRO B 301 -15.39 10.09 -10.96
N GLY B 302 -15.12 9.00 -10.23
CA GLY B 302 -14.01 9.00 -9.29
C GLY B 302 -12.68 9.14 -10.01
N TRP B 303 -12.53 8.40 -11.10
CA TRP B 303 -11.34 8.50 -11.93
C TRP B 303 -11.28 9.86 -12.60
N VAL B 304 -12.41 10.38 -13.07
CA VAL B 304 -12.37 11.72 -13.67
C VAL B 304 -11.86 12.74 -12.68
N ARG B 305 -12.32 12.67 -11.41
CA ARG B 305 -11.80 13.60 -10.41
C ARG B 305 -10.33 13.35 -10.12
N GLN B 306 -9.92 12.10 -10.15
CA GLN B 306 -8.50 11.81 -9.93
C GLN B 306 -7.66 12.43 -11.03
N ALA B 307 -8.11 12.30 -12.28
CA ALA B 307 -7.39 12.93 -13.38
C ALA B 307 -7.39 14.44 -13.23
N GLU B 308 -8.55 15.03 -12.95
CA GLU B 308 -8.60 16.48 -12.75
C GLU B 308 -7.67 16.92 -11.64
N ASN B 309 -7.62 16.16 -10.55
CA ASN B 309 -6.90 16.59 -9.34
C ASN B 309 -5.41 16.27 -9.38
N TYR B 310 -5.01 15.22 -10.10
CA TYR B 310 -3.62 14.78 -10.09
C TYR B 310 -2.97 14.65 -11.46
N TYR B 311 -3.74 14.46 -12.53
CA TYR B 311 -3.17 14.25 -13.87
C TYR B 311 -3.94 15.05 -14.91
N PRO B 312 -4.02 16.38 -14.75
CA PRO B 312 -4.81 17.18 -15.72
C PRO B 312 -4.29 17.10 -17.14
N GLU B 313 -3.00 16.80 -17.32
CA GLU B 313 -2.48 16.64 -18.66
C GLU B 313 -3.10 15.45 -19.39
N LEU B 314 -3.80 14.55 -18.68
CA LEU B 314 -4.44 13.42 -19.33
C LEU B 314 -5.87 13.72 -19.75
N LEU B 315 -6.43 14.86 -19.33
CA LEU B 315 -7.83 15.13 -19.64
C LEU B 315 -8.10 15.17 -21.14
N ASN B 316 -7.15 15.66 -21.91
N ASN B 316 -7.15 15.66 -21.93
CA ASN B 316 -7.30 15.69 -23.37
CA ASN B 316 -7.41 15.67 -23.36
C ASN B 316 -7.36 14.29 -23.98
C ASN B 316 -7.33 14.28 -24.00
N ASN B 317 -6.87 13.26 -23.27
CA ASN B 317 -6.84 11.91 -23.75
C ASN B 317 -8.03 11.09 -23.27
N LEU B 318 -8.87 11.66 -22.41
CA LEU B 318 -10.08 10.96 -22.01
C LEU B 318 -11.07 10.89 -23.18
N SER B 319 -11.75 9.75 -23.30
CA SER B 319 -12.84 9.64 -24.25
C SER B 319 -13.84 10.75 -24.01
N SER B 320 -14.38 11.30 -25.10
CA SER B 320 -15.39 12.34 -24.97
C SER B 320 -16.79 11.76 -24.80
N ALA B 321 -16.96 10.44 -24.94
CA ALA B 321 -18.30 9.88 -24.73
C ALA B 321 -18.76 10.13 -23.29
N LYS B 322 -20.04 10.51 -23.13
CA LYS B 322 -20.58 10.60 -21.79
C LYS B 322 -20.65 9.21 -21.15
N SER B 323 -20.63 9.17 -19.82
CA SER B 323 -20.82 7.92 -19.10
C SER B 323 -22.23 7.40 -19.35
N PRO B 324 -22.46 6.13 -19.09
CA PRO B 324 -23.82 5.59 -19.27
C PRO B 324 -24.87 6.42 -18.56
N GLN B 325 -24.61 6.82 -17.32
CA GLN B 325 -25.57 7.65 -16.60
C GLN B 325 -25.88 8.93 -17.36
N GLN B 326 -24.84 9.67 -17.78
CA GLN B 326 -25.06 10.97 -18.40
C GLN B 326 -25.57 10.83 -19.83
N ILE B 327 -25.08 9.85 -20.58
CA ILE B 327 -25.50 9.66 -21.95
C ILE B 327 -26.95 9.19 -21.99
N PHE B 328 -27.32 8.34 -21.03
CA PHE B 328 -28.72 7.95 -20.90
C PHE B 328 -29.57 9.17 -20.58
N GLY B 329 -29.10 9.97 -19.61
CA GLY B 329 -29.86 11.14 -19.22
C GLY B 329 -30.09 12.09 -20.37
N THR B 330 -29.04 12.37 -21.13
CA THR B 330 -29.19 13.21 -22.31
C THR B 330 -30.24 12.66 -23.25
N ALA B 331 -30.19 11.35 -23.54
CA ALA B 331 -31.18 10.77 -24.43
C ALA B 331 -32.58 10.84 -23.84
N SER B 332 -32.68 10.73 -22.51
CA SER B 332 -33.99 10.74 -21.85
C SER B 332 -34.70 12.08 -22.00
N LYS B 333 -33.97 13.15 -22.28
CA LYS B 333 -34.56 14.48 -22.44
C LYS B 333 -34.74 14.88 -23.89
N THR B 334 -34.23 14.08 -24.83
CA THR B 334 -34.29 14.40 -26.27
C THR B 334 -34.99 13.27 -27.01
N TYR B 335 -34.33 12.12 -27.15
CA TYR B 335 -34.93 11.00 -27.87
C TYR B 335 -36.21 10.53 -27.21
N TYR B 336 -36.21 10.38 -25.88
CA TYR B 336 -37.41 9.83 -25.25
C TYR B 336 -38.66 10.67 -25.46
N PRO B 337 -38.65 11.99 -25.28
CA PRO B 337 -39.84 12.76 -25.66
C PRO B 337 -40.22 12.56 -27.12
N SER B 338 -39.25 12.36 -28.01
CA SER B 338 -39.57 12.20 -29.43
C SER B 338 -40.32 10.91 -29.72
N ILE B 339 -40.25 9.91 -28.85
CA ILE B 339 -40.97 8.65 -29.04
C ILE B 339 -42.12 8.48 -28.06
N SER B 340 -42.41 9.48 -27.25
CA SER B 340 -43.42 9.34 -26.22
C SER B 340 -44.43 10.48 -26.19
N GLY B 341 -44.04 11.69 -26.64
CA GLY B 341 -44.91 12.84 -26.55
C GLY B 341 -44.79 13.61 -25.26
N LEU B 342 -43.92 13.18 -24.36
CA LEU B 342 -43.74 13.89 -23.11
C LEU B 342 -43.17 15.26 -23.42
N ASP B 343 -43.62 16.27 -22.68
CA ASP B 343 -42.91 17.53 -22.69
C ASP B 343 -41.55 17.37 -22.00
N PRO B 344 -40.42 17.63 -22.66
CA PRO B 344 -39.11 17.39 -22.02
C PRO B 344 -38.98 18.01 -20.64
N LYS B 345 -39.53 19.22 -20.41
CA LYS B 345 -39.32 19.85 -19.11
C LYS B 345 -40.02 19.08 -18.00
N ASN B 346 -40.98 18.22 -18.34
CA ASN B 346 -41.65 17.46 -17.30
C ASN B 346 -41.01 16.10 -17.05
N VAL B 347 -40.02 15.71 -17.83
CA VAL B 347 -39.32 14.45 -17.59
C VAL B 347 -38.35 14.67 -16.44
N PHE B 348 -38.35 13.76 -15.48
CA PHE B 348 -37.44 13.83 -14.33
C PHE B 348 -36.72 12.50 -14.28
N THR B 349 -35.39 12.51 -14.47
CA THR B 349 -34.66 11.29 -14.72
C THR B 349 -33.85 10.94 -13.49
N VAL B 350 -34.12 9.76 -12.93
CA VAL B 350 -33.49 9.27 -11.71
C VAL B 350 -32.65 8.06 -12.05
N THR B 351 -31.42 8.03 -11.55
CA THR B 351 -30.64 6.81 -11.64
C THR B 351 -30.46 6.19 -10.24
N VAL B 352 -30.26 4.87 -10.21
CA VAL B 352 -29.93 4.14 -9.00
C VAL B 352 -28.52 3.61 -9.23
N MET B 353 -27.58 4.03 -8.37
N MET B 353 -27.58 4.02 -8.38
CA MET B 353 -26.18 3.77 -8.60
CA MET B 353 -26.19 3.75 -8.67
C MET B 353 -25.56 3.07 -7.41
C MET B 353 -25.47 3.21 -7.43
N PRO B 354 -24.53 2.30 -7.64
CA PRO B 354 -23.74 1.76 -6.53
C PRO B 354 -22.70 2.73 -5.98
N CYS B 355 -22.90 4.02 -6.24
CA CYS B 355 -21.80 4.97 -6.23
C CYS B 355 -22.24 6.31 -5.66
N THR B 356 -21.36 6.93 -4.85
CA THR B 356 -21.58 8.28 -4.39
C THR B 356 -21.02 9.32 -5.35
N SER B 357 -19.96 8.97 -6.09
N SER B 357 -19.95 8.98 -6.08
CA SER B 357 -19.36 9.93 -7.00
CA SER B 357 -19.37 9.96 -7.00
C SER B 357 -20.33 10.29 -8.13
C SER B 357 -20.27 10.25 -8.20
N LYS B 358 -21.23 9.37 -8.49
CA LYS B 358 -22.21 9.64 -9.53
C LYS B 358 -23.12 10.82 -9.19
N LYS B 359 -23.32 11.13 -7.91
CA LYS B 359 -24.12 12.31 -7.57
C LYS B 359 -23.41 13.59 -7.97
N PHE B 360 -22.07 13.63 -7.78
CA PHE B 360 -21.30 14.78 -8.22
C PHE B 360 -21.36 14.91 -9.74
N GLU B 361 -21.21 13.79 -10.45
CA GLU B 361 -21.25 13.86 -11.91
C GLU B 361 -22.59 14.40 -12.37
N ALA B 362 -23.68 13.90 -11.79
CA ALA B 362 -25.00 14.31 -12.26
C ALA B 362 -25.27 15.79 -11.98
N ASP B 363 -24.64 16.33 -10.94
CA ASP B 363 -24.79 17.73 -10.59
C ASP B 363 -23.74 18.65 -11.22
N ARG B 364 -22.89 18.16 -12.14
CA ARG B 364 -21.91 19.06 -12.77
C ARG B 364 -22.64 20.19 -13.52
N PRO B 365 -22.14 21.42 -13.44
CA PRO B 365 -22.87 22.54 -14.04
C PRO B 365 -23.25 22.32 -15.52
N GLN B 366 -22.35 21.80 -16.32
CA GLN B 366 -22.59 21.69 -17.75
C GLN B 366 -23.26 20.39 -18.19
N MET B 367 -23.62 19.50 -17.26
CA MET B 367 -24.28 18.23 -17.59
C MET B 367 -25.79 18.47 -17.80
N GLU B 368 -26.07 19.28 -18.82
CA GLU B 368 -27.42 19.71 -19.11
C GLU B 368 -27.44 20.35 -20.49
N LYS B 369 -28.66 20.58 -20.98
CA LYS B 369 -28.83 21.31 -22.22
C LYS B 369 -29.92 22.34 -21.99
N ASP B 370 -29.54 23.62 -22.08
CA ASP B 370 -30.45 24.75 -21.90
C ASP B 370 -31.42 24.56 -20.72
N GLY B 371 -30.84 24.33 -19.55
CA GLY B 371 -31.61 24.24 -18.35
C GLY B 371 -32.20 22.87 -18.07
N LEU B 372 -32.23 21.97 -19.03
CA LEU B 372 -32.73 20.62 -18.77
C LEU B 372 -31.56 19.72 -18.36
N ARG B 373 -31.56 19.24 -17.10
CA ARG B 373 -30.46 18.40 -16.64
C ARG B 373 -30.49 17.05 -17.34
N ASP B 374 -29.31 16.52 -17.68
CA ASP B 374 -29.27 15.13 -18.12
C ASP B 374 -29.94 14.23 -17.08
N ILE B 375 -29.54 14.39 -15.81
CA ILE B 375 -29.94 13.52 -14.72
C ILE B 375 -30.35 14.42 -13.58
N ASP B 376 -31.59 14.23 -13.08
CA ASP B 376 -32.12 15.09 -12.03
C ASP B 376 -31.85 14.60 -10.62
N ALA B 377 -31.67 13.29 -10.43
CA ALA B 377 -31.42 12.74 -9.10
C ALA B 377 -30.70 11.41 -9.27
N VAL B 378 -29.82 11.11 -8.31
CA VAL B 378 -29.09 9.84 -8.22
C VAL B 378 -29.29 9.30 -6.80
N ILE B 379 -29.84 8.11 -6.69
CA ILE B 379 -29.96 7.44 -5.39
C ILE B 379 -29.05 6.23 -5.35
N THR B 380 -28.40 6.01 -4.22
CA THR B 380 -27.54 4.82 -4.13
C THR B 380 -28.38 3.54 -3.98
N THR B 381 -27.69 2.41 -4.12
CA THR B 381 -28.31 1.13 -3.80
C THR B 381 -28.94 1.19 -2.42
N ARG B 382 -28.21 1.77 -1.45
CA ARG B 382 -28.75 1.84 -0.09
C ARG B 382 -29.98 2.73 -0.02
N GLU B 383 -29.96 3.87 -0.71
CA GLU B 383 -31.14 4.73 -0.69
C GLU B 383 -32.34 4.03 -1.32
N LEU B 384 -32.14 3.28 -2.42
CA LEU B 384 -33.27 2.59 -3.03
C LEU B 384 -33.83 1.55 -2.07
N ALA B 385 -32.96 0.79 -1.39
CA ALA B 385 -33.44 -0.18 -0.41
C ALA B 385 -34.28 0.50 0.66
N LYS B 386 -33.82 1.67 1.16
CA LYS B 386 -34.59 2.41 2.15
C LYS B 386 -35.95 2.80 1.60
N MET B 387 -36.00 3.32 0.37
CA MET B 387 -37.28 3.70 -0.23
C MET B 387 -38.24 2.54 -0.34
N ILE B 388 -37.74 1.38 -0.73
CA ILE B 388 -38.57 0.19 -0.87
C ILE B 388 -39.13 -0.20 0.50
N LYS B 389 -38.29 -0.17 1.53
CA LYS B 389 -38.73 -0.54 2.87
C LYS B 389 -39.71 0.46 3.43
N ASP B 390 -39.45 1.75 3.22
CA ASP B 390 -40.40 2.75 3.73
C ASP B 390 -41.77 2.57 3.10
N ALA B 391 -41.81 2.13 1.84
CA ALA B 391 -43.06 1.94 1.12
C ALA B 391 -43.74 0.59 1.39
N LYS B 392 -43.16 -0.22 2.26
CA LYS B 392 -43.70 -1.51 2.68
C LYS B 392 -43.84 -2.46 1.49
N ILE B 393 -42.92 -2.36 0.54
CA ILE B 393 -42.93 -3.24 -0.62
C ILE B 393 -42.26 -4.56 -0.26
N PRO B 394 -42.92 -5.71 -0.45
CA PRO B 394 -42.35 -7.00 -0.04
C PRO B 394 -41.32 -7.53 -1.03
N PHE B 395 -40.15 -6.89 -1.07
CA PHE B 395 -39.16 -7.08 -2.14
C PHE B 395 -38.89 -8.56 -2.44
N ALA B 396 -38.52 -9.34 -1.41
CA ALA B 396 -38.13 -10.73 -1.65
C ALA B 396 -39.26 -11.61 -2.14
N LYS B 397 -40.52 -11.14 -2.07
CA LYS B 397 -41.70 -11.91 -2.50
C LYS B 397 -42.25 -11.43 -3.83
N LEU B 398 -41.64 -10.41 -4.43
CA LEU B 398 -42.20 -9.84 -5.64
C LEU B 398 -42.00 -10.78 -6.83
N GLU B 399 -42.97 -10.72 -7.74
CA GLU B 399 -42.81 -11.39 -9.03
C GLU B 399 -41.88 -10.57 -9.91
N ASP B 400 -41.26 -11.23 -10.86
CA ASP B 400 -40.41 -10.52 -11.82
C ASP B 400 -41.27 -9.77 -12.84
N SER B 401 -40.79 -8.61 -13.25
CA SER B 401 -41.32 -7.96 -14.41
C SER B 401 -40.15 -7.55 -15.29
N GLU B 402 -40.46 -6.89 -16.39
CA GLU B 402 -39.48 -6.47 -17.37
C GLU B 402 -39.40 -4.95 -17.41
N ALA B 403 -38.29 -4.46 -17.95
CA ALA B 403 -38.15 -3.03 -18.17
C ALA B 403 -39.02 -2.62 -19.36
N ASP B 404 -39.34 -1.34 -19.39
CA ASP B 404 -39.90 -0.80 -20.62
C ASP B 404 -38.80 -0.81 -21.67
N PRO B 405 -39.04 -1.32 -22.87
CA PRO B 405 -37.92 -1.74 -23.73
C PRO B 405 -37.18 -0.60 -24.43
N ALA B 406 -37.83 0.54 -24.67
CA ALA B 406 -37.28 1.54 -25.61
C ALA B 406 -35.92 2.06 -25.16
N MET B 407 -35.72 2.23 -23.85
CA MET B 407 -34.43 2.55 -23.24
C MET B 407 -34.12 1.60 -22.09
N GLY B 408 -34.59 0.35 -22.21
CA GLY B 408 -34.44 -0.66 -21.17
C GLY B 408 -33.75 -1.94 -21.61
N GLU B 409 -33.81 -2.28 -22.89
CA GLU B 409 -33.08 -3.44 -23.39
C GLU B 409 -31.60 -3.27 -23.15
N TYR B 410 -30.91 -4.37 -22.87
CA TYR B 410 -29.46 -4.27 -22.82
C TYR B 410 -28.82 -5.56 -23.31
N SER B 411 -27.62 -5.41 -23.85
CA SER B 411 -26.82 -6.52 -24.32
C SER B 411 -25.93 -7.03 -23.19
N GLY B 412 -25.35 -8.23 -23.40
CA GLY B 412 -24.44 -8.80 -22.42
C GLY B 412 -23.19 -7.97 -22.22
N ALA B 413 -22.75 -7.24 -23.26
CA ALA B 413 -21.61 -6.31 -23.13
C ALA B 413 -21.93 -5.20 -22.13
N GLY B 414 -23.13 -4.66 -22.20
CA GLY B 414 -23.50 -3.64 -21.24
C GLY B 414 -23.68 -4.21 -19.84
N ALA B 415 -24.09 -5.49 -19.73
CA ALA B 415 -24.37 -6.10 -18.45
C ALA B 415 -23.12 -6.22 -17.59
N ILE B 416 -21.94 -6.40 -18.19
CA ILE B 416 -20.73 -6.64 -17.42
C ILE B 416 -20.04 -5.35 -16.99
N PHE B 417 -20.61 -4.18 -17.30
CA PHE B 417 -19.91 -2.91 -17.03
C PHE B 417 -19.52 -2.79 -15.56
N GLY B 418 -20.34 -3.34 -14.64
CA GLY B 418 -20.14 -3.14 -13.22
C GLY B 418 -18.94 -3.86 -12.63
N ALA B 419 -18.28 -4.74 -13.40
CA ALA B 419 -17.06 -5.42 -12.92
C ALA B 419 -15.83 -4.78 -13.54
N THR B 420 -14.71 -4.74 -12.78
CA THR B 420 -13.46 -4.25 -13.38
C THR B 420 -13.13 -5.04 -14.64
N GLY B 421 -12.77 -4.31 -15.70
CA GLY B 421 -12.52 -4.93 -17.00
C GLY B 421 -13.76 -5.11 -17.86
N GLY B 422 -14.95 -4.85 -17.31
CA GLY B 422 -16.19 -4.97 -18.09
C GLY B 422 -16.28 -3.95 -19.22
N VAL B 423 -16.03 -2.68 -18.93
CA VAL B 423 -16.03 -1.67 -20.00
C VAL B 423 -15.05 -2.05 -21.10
N MET B 424 -13.81 -2.45 -20.72
CA MET B 424 -12.82 -2.88 -21.70
C MET B 424 -13.33 -3.99 -22.56
N GLU B 425 -13.80 -5.08 -21.94
CA GLU B 425 -14.27 -6.21 -22.71
C GLU B 425 -15.42 -5.80 -23.61
N ALA B 426 -16.39 -5.05 -23.07
CA ALA B 426 -17.54 -4.64 -23.89
C ALA B 426 -17.10 -3.79 -25.07
N ALA B 427 -16.15 -2.86 -24.86
CA ALA B 427 -15.68 -1.99 -25.93
C ALA B 427 -14.92 -2.74 -27.00
N LEU B 428 -14.07 -3.71 -26.60
CA LEU B 428 -13.33 -4.48 -27.60
C LEU B 428 -14.26 -5.31 -28.48
N ARG B 429 -15.33 -5.87 -27.91
CA ARG B 429 -16.26 -6.66 -28.73
C ARG B 429 -16.80 -5.81 -29.89
N SER B 430 -17.15 -4.56 -29.60
CA SER B 430 -17.68 -3.73 -30.69
C SER B 430 -16.56 -3.16 -31.53
N ALA B 431 -15.46 -2.70 -30.91
CA ALA B 431 -14.41 -2.05 -31.69
C ALA B 431 -13.79 -3.01 -32.70
N LYS B 432 -13.62 -4.27 -32.34
CA LYS B 432 -13.05 -5.22 -33.29
C LYS B 432 -14.01 -5.50 -34.44
N ASP B 433 -15.29 -5.68 -34.14
CA ASP B 433 -16.28 -5.86 -35.20
C ASP B 433 -16.31 -4.64 -36.12
N PHE B 434 -16.32 -3.43 -35.54
CA PHE B 434 -16.40 -2.23 -36.35
C PHE B 434 -15.17 -2.09 -37.25
N ALA B 435 -13.98 -2.30 -36.68
CA ALA B 435 -12.76 -2.09 -37.45
C ALA B 435 -12.58 -3.13 -38.54
N GLU B 436 -13.01 -4.37 -38.28
CA GLU B 436 -12.86 -5.46 -39.24
C GLU B 436 -14.07 -5.62 -40.15
N ASN B 437 -15.11 -4.78 -39.99
CA ASN B 437 -16.38 -4.95 -40.69
C ASN B 437 -16.88 -6.40 -40.59
N ALA B 438 -16.87 -6.94 -39.37
CA ALA B 438 -17.05 -8.36 -39.14
C ALA B 438 -18.06 -8.57 -38.02
N GLU B 439 -18.50 -9.83 -37.87
CA GLU B 439 -19.38 -10.25 -36.78
C GLU B 439 -18.71 -11.46 -36.14
N LEU B 440 -17.75 -11.21 -35.26
CA LEU B 440 -16.86 -12.26 -34.80
C LEU B 440 -17.51 -13.11 -33.72
N GLU B 441 -17.16 -14.40 -33.72
CA GLU B 441 -17.74 -15.31 -32.74
C GLU B 441 -16.96 -15.31 -31.43
N ASP B 442 -15.66 -15.07 -31.48
CA ASP B 442 -14.80 -15.08 -30.30
C ASP B 442 -14.86 -13.71 -29.66
N ILE B 443 -15.59 -13.61 -28.54
CA ILE B 443 -15.90 -12.30 -27.94
C ILE B 443 -15.51 -12.22 -26.47
N GLU B 444 -14.96 -13.27 -25.88
CA GLU B 444 -14.69 -13.26 -24.45
C GLU B 444 -13.25 -12.87 -24.23
N TYR B 445 -13.04 -11.82 -23.45
CA TYR B 445 -11.70 -11.31 -23.15
C TYR B 445 -11.35 -11.58 -21.69
N LYS B 446 -11.16 -12.86 -21.37
CA LYS B 446 -10.98 -13.19 -19.96
C LYS B 446 -9.69 -12.60 -19.39
N GLN B 447 -8.75 -12.22 -20.26
CA GLN B 447 -7.48 -11.70 -19.80
C GLN B 447 -7.61 -10.34 -19.13
N VAL B 448 -8.75 -9.64 -19.30
CA VAL B 448 -8.92 -8.34 -18.67
C VAL B 448 -9.75 -8.40 -17.40
N ARG B 449 -10.24 -9.57 -17.02
CA ARG B 449 -11.16 -9.76 -15.90
C ARG B 449 -10.39 -10.01 -14.62
N GLY B 450 -11.10 -9.91 -13.50
CA GLY B 450 -10.54 -10.32 -12.22
C GLY B 450 -9.96 -9.20 -11.40
N LEU B 451 -9.48 -9.59 -10.22
CA LEU B 451 -9.15 -8.61 -9.19
C LEU B 451 -7.68 -8.14 -9.19
N ASN B 452 -6.85 -8.56 -10.15
CA ASN B 452 -5.52 -7.99 -10.22
C ASN B 452 -5.61 -6.48 -10.43
N GLY B 453 -4.68 -5.75 -9.82
CA GLY B 453 -4.80 -4.29 -9.78
C GLY B 453 -4.53 -3.60 -11.10
N ILE B 454 -3.61 -4.17 -11.89
CA ILE B 454 -3.28 -3.62 -13.20
C ILE B 454 -3.24 -4.81 -14.13
N LYS B 455 -4.08 -4.79 -15.16
CA LYS B 455 -4.25 -5.91 -16.07
C LYS B 455 -3.98 -5.44 -17.49
N GLU B 456 -2.95 -5.97 -18.10
CA GLU B 456 -2.65 -5.56 -19.47
C GLU B 456 -2.95 -6.70 -20.43
N ALA B 457 -3.19 -6.35 -21.69
CA ALA B 457 -3.43 -7.33 -22.73
C ALA B 457 -3.03 -6.74 -24.07
N GLU B 458 -2.53 -7.61 -24.95
CA GLU B 458 -2.33 -7.29 -26.35
C GLU B 458 -3.52 -7.81 -27.16
N VAL B 459 -4.11 -6.95 -27.98
CA VAL B 459 -5.29 -7.34 -28.78
C VAL B 459 -5.01 -7.06 -30.25
N GLU B 460 -5.43 -7.97 -31.12
CA GLU B 460 -5.25 -7.78 -32.55
C GLU B 460 -6.55 -7.26 -33.13
N ILE B 461 -6.46 -6.14 -33.84
CA ILE B 461 -7.62 -5.53 -34.46
C ILE B 461 -7.23 -5.21 -35.89
N ASN B 462 -7.93 -5.81 -36.86
CA ASN B 462 -7.65 -5.57 -38.26
C ASN B 462 -6.16 -5.72 -38.57
N ASN B 463 -5.61 -6.86 -38.14
CA ASN B 463 -4.24 -7.29 -38.46
C ASN B 463 -3.14 -6.50 -37.77
N ASN B 464 -3.47 -5.57 -36.88
CA ASN B 464 -2.50 -4.82 -36.11
C ASN B 464 -2.67 -5.12 -34.63
N LYS B 465 -1.57 -5.03 -33.88
CA LYS B 465 -1.56 -5.32 -32.45
C LYS B 465 -1.67 -4.02 -31.66
N TYR B 466 -2.52 -4.03 -30.64
CA TYR B 466 -2.74 -2.86 -29.79
C TYR B 466 -2.63 -3.29 -28.34
N ASN B 467 -2.17 -2.35 -27.51
CA ASN B 467 -1.97 -2.57 -26.09
C ASN B 467 -3.07 -1.88 -25.30
N VAL B 468 -3.74 -2.67 -24.45
CA VAL B 468 -4.75 -2.15 -23.54
C VAL B 468 -4.37 -2.46 -22.10
N ALA B 469 -4.90 -1.64 -21.19
CA ALA B 469 -4.70 -1.86 -19.77
C ALA B 469 -6.00 -1.58 -19.04
N VAL B 470 -6.26 -2.38 -18.02
CA VAL B 470 -7.38 -2.15 -17.11
C VAL B 470 -6.81 -1.84 -15.75
N ILE B 471 -7.05 -0.62 -15.28
CA ILE B 471 -6.56 -0.15 -13.99
C ILE B 471 -7.71 -0.33 -13.01
N ASN B 472 -7.48 -1.09 -11.96
CA ASN B 472 -8.56 -1.60 -11.10
C ASN B 472 -8.32 -1.00 -9.70
N GLY B 473 -8.85 0.20 -9.49
CA GLY B 473 -8.70 0.90 -8.23
C GLY B 473 -7.88 2.16 -8.35
N ALA B 474 -8.27 3.24 -7.66
CA ALA B 474 -7.55 4.51 -7.79
C ALA B 474 -6.10 4.40 -7.29
N SER B 475 -5.86 3.60 -6.27
CA SER B 475 -4.49 3.41 -5.80
C SER B 475 -3.62 2.80 -6.89
N ASN B 476 -4.21 1.91 -7.71
CA ASN B 476 -3.49 1.29 -8.81
C ASN B 476 -3.28 2.23 -9.98
N LEU B 477 -4.13 3.25 -10.13
CA LEU B 477 -3.84 4.30 -11.12
C LEU B 477 -2.56 5.03 -10.71
N PHE B 478 -2.45 5.42 -9.44
CA PHE B 478 -1.25 6.09 -8.96
C PHE B 478 -0.02 5.19 -9.17
N LYS B 479 -0.14 3.90 -8.87
CA LYS B 479 1.02 3.03 -9.10
C LYS B 479 1.40 3.00 -10.58
N PHE B 480 0.41 2.85 -11.47
CA PHE B 480 0.66 2.77 -12.90
C PHE B 480 1.36 4.03 -13.41
N MET B 481 0.92 5.19 -12.97
CA MET B 481 1.56 6.45 -13.36
C MET B 481 2.91 6.68 -12.70
N LYS B 482 2.95 6.65 -11.39
CA LYS B 482 4.17 7.03 -10.67
C LYS B 482 5.31 6.08 -10.96
N SER B 483 5.02 4.80 -11.19
CA SER B 483 6.08 3.83 -11.47
C SER B 483 6.62 3.93 -12.90
N GLY B 484 6.02 4.76 -13.74
CA GLY B 484 6.42 4.86 -15.14
C GLY B 484 5.88 3.75 -16.02
N MET B 485 4.98 2.91 -15.49
CA MET B 485 4.41 1.85 -16.32
C MET B 485 3.75 2.41 -17.58
N ILE B 486 3.13 3.60 -17.49
CA ILE B 486 2.46 4.17 -18.64
C ILE B 486 3.43 4.41 -19.80
N ASN B 487 4.74 4.52 -19.51
CA ASN B 487 5.77 4.81 -20.52
C ASN B 487 6.53 3.57 -20.96
N GLU B 488 6.26 2.40 -20.37
CA GLU B 488 7.02 1.20 -20.70
C GLU B 488 6.66 0.66 -22.09
N LYS B 489 5.50 1.01 -22.62
CA LYS B 489 5.14 0.68 -23.99
C LYS B 489 4.11 1.73 -24.39
N GLN B 490 3.68 1.70 -25.65
CA GLN B 490 2.59 2.57 -26.10
C GLN B 490 1.26 1.90 -25.78
N TYR B 491 0.49 2.49 -24.87
CA TYR B 491 -0.87 2.02 -24.62
C TYR B 491 -1.82 2.72 -25.58
N HIS B 492 -2.83 1.98 -26.01
CA HIS B 492 -3.82 2.50 -26.95
C HIS B 492 -5.16 2.78 -26.31
N PHE B 493 -5.58 1.96 -25.35
CA PHE B 493 -6.88 2.15 -24.73
C PHE B 493 -6.74 1.68 -23.28
N ILE B 494 -7.18 2.51 -22.34
CA ILE B 494 -6.98 2.22 -20.90
C ILE B 494 -8.29 2.44 -20.17
N GLU B 495 -8.79 1.40 -19.47
CA GLU B 495 -9.92 1.53 -18.55
C GLU B 495 -9.41 1.87 -17.16
N VAL B 496 -10.03 2.86 -16.50
CA VAL B 496 -9.72 3.13 -15.09
C VAL B 496 -11.04 3.14 -14.30
N MET B 497 -11.09 2.34 -13.23
CA MET B 497 -12.15 2.39 -12.21
C MET B 497 -11.52 2.82 -10.89
N ALA B 498 -12.19 3.71 -10.16
CA ALA B 498 -11.66 4.16 -8.87
C ALA B 498 -11.82 3.13 -7.74
N CYS B 499 -12.85 2.31 -7.80
CA CYS B 499 -13.13 1.33 -6.76
C CYS B 499 -12.57 -0.02 -7.18
N HIS B 500 -11.69 -0.58 -6.35
CA HIS B 500 -11.17 -1.91 -6.63
C HIS B 500 -12.28 -2.96 -6.71
N GLY B 501 -12.28 -3.70 -7.80
CA GLY B 501 -13.36 -4.60 -8.14
C GLY B 501 -14.33 -4.03 -9.16
N GLY B 502 -14.24 -2.70 -9.42
CA GLY B 502 -15.21 -1.99 -10.24
C GLY B 502 -16.42 -1.53 -9.43
N CYS B 503 -17.46 -1.10 -10.15
CA CYS B 503 -18.64 -0.54 -9.50
C CYS B 503 -19.35 -1.52 -8.56
N VAL B 504 -19.19 -2.83 -8.75
CA VAL B 504 -19.79 -3.75 -7.78
C VAL B 504 -19.31 -3.45 -6.35
N ASN B 505 -18.12 -2.84 -6.20
CA ASN B 505 -17.58 -2.49 -4.90
C ASN B 505 -17.66 -0.98 -4.67
N GLY B 506 -18.68 -0.34 -5.23
CA GLY B 506 -18.76 1.10 -5.14
C GLY B 506 -19.19 1.61 -3.76
N GLY B 507 -19.04 2.92 -3.60
CA GLY B 507 -19.27 3.55 -2.29
C GLY B 507 -20.74 3.74 -1.89
N GLY B 508 -21.69 3.45 -2.78
CA GLY B 508 -23.11 3.47 -2.48
C GLY B 508 -23.70 2.10 -2.25
N GLN B 509 -22.86 1.08 -2.17
CA GLN B 509 -23.33 -0.31 -2.08
C GLN B 509 -23.71 -0.70 -0.65
N PRO B 510 -24.43 -1.80 -0.47
CA PRO B 510 -24.75 -2.24 0.88
C PRO B 510 -23.49 -2.42 1.71
N HIS B 511 -23.55 -2.02 2.96
CA HIS B 511 -22.44 -2.34 3.87
C HIS B 511 -22.41 -3.83 4.10
N VAL B 512 -21.20 -4.34 4.35
CA VAL B 512 -21.00 -5.75 4.65
C VAL B 512 -20.17 -5.78 5.92
N ASN B 513 -20.60 -6.60 6.86
N ASN B 513 -20.62 -6.59 6.87
CA ASN B 513 -19.94 -6.69 8.15
CA ASN B 513 -19.93 -6.67 8.14
C ASN B 513 -18.56 -7.34 7.97
C ASN B 513 -18.55 -7.33 7.96
N PRO B 514 -17.56 -6.94 8.76
CA PRO B 514 -16.22 -7.49 8.56
C PRO B 514 -16.15 -9.01 8.65
N LYS B 515 -16.99 -9.65 9.47
CA LYS B 515 -16.94 -11.11 9.53
C LYS B 515 -17.43 -11.76 8.23
N ASP B 516 -18.46 -11.18 7.59
CA ASP B 516 -18.91 -11.71 6.31
C ASP B 516 -17.89 -11.43 5.22
N LEU B 517 -17.16 -10.32 5.31
CA LEU B 517 -16.16 -10.06 4.27
C LEU B 517 -15.07 -11.11 4.28
N GLU B 518 -14.84 -11.72 5.45
CA GLU B 518 -13.87 -12.80 5.56
C GLU B 518 -14.40 -14.11 4.98
N LYS B 519 -15.71 -14.29 4.92
CA LYS B 519 -16.32 -15.52 4.43
C LYS B 519 -16.71 -15.45 2.96
N VAL B 520 -16.98 -14.25 2.45
CA VAL B 520 -17.51 -14.06 1.11
C VAL B 520 -16.62 -13.06 0.38
N ASP B 521 -16.21 -13.39 -0.84
CA ASP B 521 -15.48 -12.47 -1.71
C ASP B 521 -16.52 -11.61 -2.39
N ILE B 522 -16.83 -10.49 -1.77
CA ILE B 522 -17.95 -9.66 -2.22
C ILE B 522 -17.74 -9.16 -3.66
N LYS B 523 -16.49 -8.81 -4.04
CA LYS B 523 -16.19 -8.29 -5.36
C LYS B 523 -16.45 -9.35 -6.43
N LYS B 524 -16.04 -10.59 -6.15
CA LYS B 524 -16.22 -11.64 -7.16
C LYS B 524 -17.67 -12.08 -7.19
N VAL B 525 -18.29 -12.18 -6.03
CA VAL B 525 -19.63 -12.73 -5.97
C VAL B 525 -20.63 -11.80 -6.62
N ARG B 526 -20.47 -10.49 -6.39
CA ARG B 526 -21.35 -9.56 -7.07
C ARG B 526 -21.09 -9.54 -8.58
N ALA B 527 -19.81 -9.50 -8.98
CA ALA B 527 -19.47 -9.53 -10.40
C ALA B 527 -20.01 -10.78 -11.10
N SER B 528 -20.08 -11.90 -10.38
CA SER B 528 -20.49 -13.16 -11.02
C SER B 528 -21.91 -13.04 -11.57
N VAL B 529 -22.77 -12.28 -10.89
CA VAL B 529 -24.13 -12.07 -11.39
C VAL B 529 -24.09 -11.45 -12.77
N LEU B 530 -23.22 -10.46 -12.96
CA LEU B 530 -23.15 -9.73 -14.21
C LEU B 530 -22.61 -10.61 -15.33
N TYR B 531 -21.50 -11.33 -15.08
CA TYR B 531 -20.95 -12.24 -16.08
C TYR B 531 -21.96 -13.36 -16.40
N ASN B 532 -22.74 -13.80 -15.43
N ASN B 532 -22.74 -13.82 -15.42
CA ASN B 532 -23.73 -14.83 -15.73
CA ASN B 532 -23.76 -14.82 -15.71
C ASN B 532 -24.83 -14.28 -16.66
C ASN B 532 -24.79 -14.26 -16.70
N GLN B 533 -25.19 -13.00 -16.51
CA GLN B 533 -26.19 -12.42 -17.42
C GLN B 533 -25.65 -12.39 -18.85
N ASP B 534 -24.41 -11.91 -19.00
CA ASP B 534 -23.78 -11.86 -20.32
C ASP B 534 -23.76 -13.24 -20.97
N GLU B 535 -23.36 -14.25 -20.20
CA GLU B 535 -23.23 -15.60 -20.75
C GLU B 535 -24.52 -16.06 -21.38
N HIS B 536 -25.66 -15.72 -20.77
CA HIS B 536 -26.92 -16.30 -21.19
C HIS B 536 -27.79 -15.37 -22.03
N LEU B 537 -27.33 -14.13 -22.26
CA LEU B 537 -28.08 -13.24 -23.14
C LEU B 537 -27.81 -13.57 -24.60
N SER B 538 -28.85 -13.41 -25.43
CA SER B 538 -28.72 -13.73 -26.83
C SER B 538 -27.83 -12.72 -27.53
N LYS B 539 -27.96 -11.43 -27.22
CA LYS B 539 -27.13 -10.38 -27.79
C LYS B 539 -26.04 -10.05 -26.78
N ARG B 540 -24.77 -10.22 -27.17
CA ARG B 540 -23.62 -9.99 -26.30
C ARG B 540 -22.72 -8.86 -26.79
N LYS B 541 -23.23 -8.02 -27.68
CA LYS B 541 -22.49 -6.89 -28.22
C LYS B 541 -23.41 -5.69 -28.20
N SER B 542 -22.86 -4.54 -27.79
CA SER B 542 -23.70 -3.38 -27.55
C SER B 542 -24.47 -2.96 -28.80
N HIS B 543 -23.82 -3.04 -29.96
CA HIS B 543 -24.43 -2.60 -31.19
C HIS B 543 -25.48 -3.58 -31.75
N GLU B 544 -25.73 -4.68 -31.04
CA GLU B 544 -26.80 -5.61 -31.40
C GLU B 544 -28.06 -5.40 -30.56
N ASN B 545 -28.03 -4.45 -29.64
CA ASN B 545 -29.20 -4.07 -28.86
C ASN B 545 -30.24 -3.48 -29.80
N THR B 546 -31.40 -4.17 -29.94
CA THR B 546 -32.35 -3.75 -30.98
C THR B 546 -32.95 -2.38 -30.68
N ALA B 547 -33.27 -2.11 -29.41
CA ALA B 547 -33.81 -0.80 -29.06
C ALA B 547 -32.79 0.30 -29.30
N LEU B 548 -31.51 0.00 -29.03
CA LEU B 548 -30.47 0.98 -29.30
C LEU B 548 -30.31 1.24 -30.79
N VAL B 549 -30.33 0.19 -31.61
CA VAL B 549 -30.21 0.38 -33.05
C VAL B 549 -31.36 1.24 -33.57
N LYS B 550 -32.57 1.03 -33.07
CA LYS B 550 -33.70 1.85 -33.53
C LYS B 550 -33.50 3.30 -33.12
N MET B 551 -33.03 3.54 -31.88
CA MET B 551 -32.68 4.88 -31.46
C MET B 551 -31.74 5.58 -32.43
N TYR B 552 -30.62 4.93 -32.74
CA TYR B 552 -29.65 5.55 -33.64
C TYR B 552 -30.23 5.74 -35.02
N GLN B 553 -30.89 4.72 -35.56
CA GLN B 553 -31.41 4.83 -36.93
C GLN B 553 -32.46 5.91 -37.04
N ASN B 554 -33.29 6.09 -35.99
CA ASN B 554 -34.42 7.00 -36.11
C ASN B 554 -34.13 8.41 -35.59
N TYR B 555 -33.09 8.58 -34.76
CA TYR B 555 -32.95 9.87 -34.08
C TYR B 555 -31.54 10.43 -34.12
N PHE B 556 -30.53 9.61 -33.92
CA PHE B 556 -29.22 10.17 -33.62
C PHE B 556 -28.32 10.32 -34.82
N GLY B 557 -28.49 9.53 -35.88
CA GLY B 557 -27.49 9.53 -36.92
C GLY B 557 -26.34 8.57 -36.60
N LYS B 558 -25.17 8.85 -37.15
CA LYS B 558 -24.02 7.98 -36.94
C LYS B 558 -23.31 8.31 -35.62
N PRO B 559 -22.86 7.29 -34.86
CA PRO B 559 -22.15 7.57 -33.61
C PRO B 559 -20.88 8.36 -33.89
N GLY B 560 -20.51 9.21 -32.95
CA GLY B 560 -19.26 9.94 -33.07
C GLY B 560 -19.26 11.06 -34.09
N GLU B 561 -20.40 11.35 -34.70
CA GLU B 561 -20.50 12.42 -35.68
C GLU B 561 -21.80 13.16 -35.46
N GLY B 562 -21.90 14.35 -36.03
CA GLY B 562 -23.18 15.03 -36.13
C GLY B 562 -23.85 15.18 -34.77
N ARG B 563 -25.15 14.87 -34.74
CA ARG B 563 -25.96 15.02 -33.54
C ARG B 563 -25.40 14.19 -32.39
N ALA B 564 -24.98 12.95 -32.66
CA ALA B 564 -24.45 12.10 -31.60
C ALA B 564 -23.25 12.77 -30.93
N HIS B 565 -22.30 13.30 -31.72
CA HIS B 565 -21.14 13.91 -31.08
C HIS B 565 -21.52 15.21 -30.39
N GLU B 566 -22.50 15.94 -30.93
CA GLU B 566 -22.93 17.22 -30.38
C GLU B 566 -23.52 17.05 -28.99
N ILE B 567 -24.40 16.07 -28.79
CA ILE B 567 -25.13 16.03 -27.54
C ILE B 567 -24.75 14.88 -26.63
N LEU B 568 -24.13 13.82 -27.14
CA LEU B 568 -23.83 12.67 -26.31
C LEU B 568 -22.39 12.70 -25.79
N HIS B 569 -21.67 13.77 -26.04
CA HIS B 569 -20.25 13.82 -25.66
C HIS B 569 -20.02 14.99 -24.71
N PHE B 570 -18.89 14.93 -23.99
CA PHE B 570 -18.53 15.91 -22.96
C PHE B 570 -17.03 15.88 -22.77
N LYS B 571 -16.39 17.02 -22.89
CA LYS B 571 -14.95 17.13 -22.72
C LYS B 571 -14.63 17.80 -21.39
N TYR B 572 -13.69 17.24 -20.63
CA TYR B 572 -13.15 17.96 -19.47
C TYR B 572 -11.96 18.77 -19.93
N LYS B 573 -11.92 20.02 -19.52
CA LYS B 573 -10.73 20.85 -19.70
C LYS B 573 -10.30 21.41 -18.36
N LYS B 574 -8.99 21.60 -18.20
CA LYS B 574 -8.42 22.05 -16.93
C LYS B 574 -8.91 23.45 -16.56
FE1 SF4 C . 19.87 2.89 6.72
FE2 SF4 C . 17.51 1.69 6.57
FE3 SF4 C . 17.73 4.05 7.84
FE4 SF4 C . 18.90 1.79 8.95
S1 SF4 C . 16.65 2.17 8.61
S2 SF4 C . 19.83 3.85 8.72
S3 SF4 C . 19.52 0.71 7.13
S4 SF4 C . 18.02 3.69 5.65
FE1 SF4 D . 14.90 3.34 -1.68
FE2 SF4 D . 13.28 3.65 -3.90
FE3 SF4 D . 15.68 2.30 -4.14
FE4 SF4 D . 15.52 5.06 -3.86
S1 SF4 D . 14.73 3.90 -5.63
S2 SF4 D . 16.98 3.60 -2.77
S3 SF4 D . 13.73 5.26 -2.41
S4 SF4 D . 13.90 1.64 -2.81
FE1 SF4 E . 17.01 -5.89 -10.66
FE2 SF4 E . 14.60 -6.66 -11.79
FE3 SF4 E . 16.35 -5.05 -13.19
FE4 SF4 E . 15.04 -4.08 -11.03
S1 SF4 E . 14.07 -4.74 -13.01
S2 SF4 E . 17.27 -3.82 -11.50
S3 SF4 E . 14.91 -5.85 -9.69
S4 SF4 E . 16.69 -7.19 -12.54
FE1 SF4 F . 23.95 -12.95 -14.27
FE2 SF4 F . 23.51 -13.99 -11.85
FE3 SF4 F . 25.68 -12.49 -12.25
FE4 SF4 F . 25.56 -14.94 -13.41
S1 SF4 F . 25.59 -14.50 -11.17
S2 SF4 F . 26.22 -13.01 -14.41
S3 SF4 F . 23.34 -15.10 -13.87
S4 SF4 F . 23.57 -11.78 -12.34
FE1 FES G . 4.62 -15.10 -12.14
FE2 FES G . 6.72 -13.57 -12.97
S1 FES G . 4.70 -13.74 -13.88
S2 FES G . 6.66 -15.08 -11.32
C1 GOL H . 40.49 13.01 5.58
O1 GOL H . 39.49 12.85 6.62
C2 GOL H . 41.85 12.26 5.92
O2 GOL H . 42.58 12.94 6.80
C3 GOL H . 41.54 10.77 6.33
O3 GOL H . 42.73 10.07 6.64
CL CL I . 41.59 1.09 23.07
MG MG J . 20.91 21.31 19.21
MG MG K . 5.26 -7.41 -23.06
MG MG L . 0.15 -8.66 -10.62
MG MG M . 47.88 -0.11 6.89
C1 VHR N . 19.25 2.54 14.09
C2 VHR N . 19.53 4.32 12.20
C3 VHR N . 22.44 1.64 10.30
C4 VHR N . 22.21 -0.11 12.22
C5 VHR N . 23.54 2.16 12.47
C7 VHR N . 23.55 2.91 14.93
FE1 VHR N . 21.76 1.68 11.88
FE2 VHR N . 22.55 3.41 13.60
S1 VHR N . 20.93 1.81 14.02
S2 VHR N . 21.31 3.91 11.74
O3 VHR N . 22.85 1.57 9.21
N4 VHR N . 22.53 -1.19 12.48
O5 VHR N . 24.65 1.83 12.34
N6 VHR N . 24.59 5.48 12.53
O7 VHR N . 24.19 2.54 15.81
C6 VHR N . 23.86 4.70 12.96
N1 VHR N . 19.14 3.91 13.58
C VHR N . 21.70 4.74 14.69
N VHR N . 21.16 5.53 15.29
FE1 SF4 O . -18.37 5.06 -8.85
FE2 SF4 O . -16.46 3.43 -7.92
FE3 SF4 O . -16.09 4.74 -10.25
FE4 SF4 O . -17.94 2.77 -10.15
S1 SF4 O . -15.68 2.52 -9.83
S2 SF4 O . -18.18 4.80 -11.09
S3 SF4 O . -18.73 2.98 -8.07
S4 SF4 O . -16.27 5.69 -8.21
FE1 SF4 P . -12.84 8.21 -1.53
FE2 SF4 P . -10.97 9.09 0.36
FE3 SF4 P . -13.62 8.93 1.05
FE4 SF4 P . -12.71 10.89 -0.64
S1 SF4 P . -12.17 10.66 1.52
S2 SF4 P . -14.62 9.57 -0.88
S3 SF4 P . -11.10 9.73 -1.81
S4 SF4 P . -12.26 7.16 0.47
FE1 SF4 Q . -16.76 6.11 10.76
FE2 SF4 Q . -14.65 5.31 12.30
FE3 SF4 Q . -15.64 7.86 12.57
FE4 SF4 Q . -14.30 7.12 10.31
S1 SF4 Q . -13.41 7.22 12.44
S2 SF4 Q . -16.29 8.29 10.38
S3 SF4 Q . -14.94 4.98 10.08
S4 SF4 Q . -16.71 5.91 13.06
FE1 SF4 R . -25.35 4.82 16.71
FE2 SF4 R . -25.47 2.58 15.26
FE3 SF4 R . -27.02 4.69 14.60
FE4 SF4 R . -27.56 3.34 16.88
S1 SF4 R . -27.66 2.49 14.78
S2 SF4 R . -27.45 5.59 16.66
S3 SF4 R . -25.52 2.72 17.56
S4 SF4 R . -24.76 4.62 14.52
FE1 FES S . -8.06 -4.85 17.79
FE2 FES S . -9.34 -2.48 17.52
S1 FES S . -7.47 -2.92 18.62
S2 FES S . -10.00 -4.46 16.80
MG MG T . -45.92 10.77 -9.95
C1 GOL U . -34.92 19.86 -15.20
O1 GOL U . -34.08 18.82 -15.70
C2 GOL U . -36.42 19.49 -14.87
O2 GOL U . -37.30 19.89 -15.84
C3 GOL U . -36.56 17.99 -14.42
O3 GOL U . -37.94 17.66 -14.61
CL CL V . -40.92 1.60 -23.82
CL CL W . -19.29 21.19 -15.64
MG MG X . -1.80 -2.16 13.90
MG MG Y . -18.69 -0.10 -40.40
MG MG Z . -15.05 13.69 -29.47
C1 VHR AA . -18.42 0.84 -14.84
C2 VHR AA . -18.03 3.31 -14.18
C3 VHR AA . -21.43 2.99 -11.51
C4 VHR AA . -22.02 0.45 -12.26
C5 VHR AA . -22.54 2.54 -13.72
C7 VHR AA . -22.52 1.92 -16.22
FE1 VHR AA . -20.92 1.98 -12.82
FE2 VHR AA . -21.32 2.74 -15.25
S1 VHR AA . -20.27 0.74 -14.66
S2 VHR AA . -19.83 3.70 -13.82
O3 VHR AA . -21.74 3.72 -10.66
N4 VHR AA . -22.63 -0.49 -11.93
O5 VHR AA . -23.67 2.69 -13.55
N6 VHR AA . -22.62 5.53 -15.63
O7 VHR AA . -23.31 1.38 -16.89
C6 VHR AA . -22.11 4.51 -15.48
N1 VHR AA . -17.95 2.21 -15.20
C VHR AA . -20.23 3.01 -16.76
N VHR AA . -19.53 3.15 -17.67
#